data_1MOW
#
_entry.id   1MOW
#
_cell.length_a   131.760
_cell.length_b   131.760
_cell.length_c   120.910
_cell.angle_alpha   90.00
_cell.angle_beta   90.00
_cell.angle_gamma   120.00
#
_symmetry.space_group_name_H-M   'P 31'
#
loop_
_entity.id
_entity.type
_entity.pdbx_description
1 polymer "5'-D(*CP*CP*AP*AP*AP*CP*TP*GP*TP*CP*TP*CP*AP*AP*GP*TP*TP*CP*CP*GP*GP*CP*G)-3'"
2 polymer "5'-D(*CP*GP*CP*CP*GP*GP*AP*AP*CP*TP*TP*GP*AP*GP*AP*CP*AP*GP*TP*TP*TP*GP*G)-3'"
3 polymer 'chimera of homing endonuclease I-DmoI and DNA endonuclease I-CreI'
4 non-polymer GLYCEROL
5 non-polymer 'MAGNESIUM ION'
6 non-polymer 'SULFATE ION'
7 water water
#
loop_
_entity_poly.entity_id
_entity_poly.type
_entity_poly.pdbx_seq_one_letter_code
_entity_poly.pdbx_strand_id
1 'polydeoxyribonucleotide'
;(DC)(DC)(DA)(DA)(DA)(DC)(DT)(DG)(DT)(DC)(DT)(DC)(DA)(DA)(DG)(DT)(DT)(DC)(DC)(DG)
(DG)(DC)(DG)
;
B,E,H,K
2 'polydeoxyribonucleotide'
;(DC)(DG)(DC)(DC)(DG)(DG)(DA)(DA)(DC)(DT)(DT)(DG)(DA)(DG)(DA)(DC)(DA)(DG)(DT)(DT)
(DT)(DG)(DG)
;
C,F,I,L
3 'polypeptide(L)'
;MHNNENVSGISAYLLGLIWGDGGLYKLKYKGNRSEYRVVITQKSENLIKQFIAPRMQFLIDELNVKSKIQIVKGDTRYEL
RVSSKKLYYYFANMLERIRLFNGNRFLAYLAGIVDGDGSIIAQIKPNQSYKFKHQLSLTFQVTQKTERRWFLDKLVDEIG
VGYVRDRGSVSDYILSEIKPLHNFLTQLQPFLNFKQKQANLVLKIIEQLPSAKESPDKFLEVCTWVDQIAALNDSKTRKT
TSETVRAVLDSLSEKKKSSP
;
A,D,G,J
#
# COMPACT_ATOMS: atom_id res chain seq x y z
N GLU I 5 63.55 -38.89 29.90
CA GLU I 5 64.42 -37.80 29.34
C GLU I 5 65.75 -38.33 28.81
N ASN I 6 66.11 -37.88 27.62
CA ASN I 6 67.34 -38.28 26.94
C ASN I 6 68.14 -37.03 26.59
N VAL I 7 69.30 -37.19 25.93
CA VAL I 7 70.11 -36.03 25.58
C VAL I 7 69.42 -35.17 24.53
N SER I 8 68.63 -35.80 23.68
CA SER I 8 67.92 -35.08 22.64
C SER I 8 67.03 -34.00 23.28
N GLY I 9 66.23 -34.41 24.26
CA GLY I 9 65.32 -33.49 24.94
C GLY I 9 66.00 -32.56 25.93
N ILE I 10 66.91 -33.11 26.74
CA ILE I 10 67.62 -32.32 27.73
C ILE I 10 68.39 -31.20 27.05
N SER I 11 69.14 -31.56 26.01
CA SER I 11 69.94 -30.58 25.30
C SER I 11 69.05 -29.51 24.63
N ALA I 12 67.92 -29.92 24.06
CA ALA I 12 67.03 -28.92 23.41
C ALA I 12 66.48 -27.94 24.46
N TYR I 13 66.03 -28.48 25.58
CA TYR I 13 65.50 -27.66 26.66
C TYR I 13 66.54 -26.67 27.19
N LEU I 14 67.74 -27.17 27.46
CA LEU I 14 68.80 -26.32 27.98
C LEU I 14 69.14 -25.21 27.00
N LEU I 15 69.23 -25.56 25.72
CA LEU I 15 69.53 -24.54 24.71
C LEU I 15 68.47 -23.44 24.81
N GLY I 16 67.22 -23.85 25.01
CA GLY I 16 66.15 -22.87 25.14
C GLY I 16 66.38 -21.97 26.34
N LEU I 17 66.65 -22.57 27.49
CA LEU I 17 66.91 -21.82 28.70
C LEU I 17 68.13 -20.91 28.52
N ILE I 18 69.16 -21.43 27.84
CA ILE I 18 70.37 -20.66 27.60
C ILE I 18 70.01 -19.42 26.79
N TRP I 19 69.33 -19.64 25.67
CA TRP I 19 68.91 -18.53 24.83
C TRP I 19 68.04 -17.52 25.60
N GLY I 20 67.13 -18.04 26.43
CA GLY I 20 66.24 -17.16 27.19
C GLY I 20 66.83 -16.37 28.35
N ASP I 21 67.44 -17.07 29.30
CA ASP I 21 68.01 -16.44 30.51
C ASP I 21 69.53 -16.58 30.65
N GLY I 22 70.23 -16.91 29.57
CA GLY I 22 71.65 -17.08 29.67
C GLY I 22 72.37 -16.67 28.41
N GLY I 23 73.45 -17.39 28.09
CA GLY I 23 74.21 -17.07 26.90
C GLY I 23 75.43 -17.95 26.70
N LEU I 24 76.06 -17.77 25.54
CA LEU I 24 77.25 -18.52 25.17
C LEU I 24 78.33 -17.47 24.93
N TYR I 25 79.41 -17.54 25.71
CA TYR I 25 80.46 -16.55 25.59
C TYR I 25 81.87 -17.07 25.32
N LYS I 26 82.51 -16.46 24.33
CA LYS I 26 83.90 -16.78 23.97
C LYS I 26 84.67 -15.54 24.47
N LEU I 27 85.45 -15.73 25.53
CA LEU I 27 86.19 -14.63 26.13
C LEU I 27 87.70 -14.64 25.87
N LYS I 28 88.27 -13.44 25.84
CA LYS I 28 89.71 -13.24 25.64
C LYS I 28 90.22 -12.42 26.82
N TYR I 29 91.12 -13.01 27.60
CA TYR I 29 91.69 -12.36 28.78
C TYR I 29 93.12 -11.87 28.59
N LYS I 30 93.58 -11.02 29.50
CA LYS I 30 94.94 -10.49 29.44
C LYS I 30 95.91 -11.62 29.75
N GLY I 31 97.09 -11.58 29.14
CA GLY I 31 98.07 -12.63 29.35
C GLY I 31 97.84 -13.78 28.41
N ASN I 32 97.20 -13.47 27.29
CA ASN I 32 96.90 -14.47 26.27
C ASN I 32 96.09 -15.67 26.76
N ARG I 33 95.11 -15.39 27.61
CA ARG I 33 94.26 -16.43 28.13
C ARG I 33 92.88 -16.33 27.49
N SER I 34 92.04 -17.34 27.69
CA SER I 34 90.72 -17.33 27.10
C SER I 34 89.74 -18.16 27.93
N GLU I 35 88.47 -18.12 27.53
CA GLU I 35 87.44 -18.91 28.21
C GLU I 35 86.20 -19.04 27.34
N TYR I 36 85.51 -20.16 27.49
CA TYR I 36 84.29 -20.43 26.75
C TYR I 36 83.24 -20.80 27.78
N ARG I 37 82.15 -20.05 27.81
CA ARG I 37 81.10 -20.29 28.82
C ARG I 37 79.71 -20.60 28.31
N VAL I 38 79.06 -21.51 29.02
CA VAL I 38 77.69 -21.87 28.76
C VAL I 38 77.06 -21.42 30.09
N VAL I 39 76.12 -20.48 29.99
CA VAL I 39 75.50 -19.84 31.15
C VAL I 39 73.97 -19.79 31.18
N ILE I 40 73.43 -19.89 32.38
CA ILE I 40 72.01 -19.78 32.60
C ILE I 40 71.89 -18.98 33.90
N THR I 41 71.35 -17.78 33.83
CA THR I 41 71.20 -17.00 35.06
C THR I 41 69.77 -17.18 35.54
N GLN I 42 69.58 -17.04 36.84
CA GLN I 42 68.27 -17.20 37.44
C GLN I 42 68.32 -16.68 38.86
N LYS I 43 67.34 -15.83 39.19
CA LYS I 43 67.25 -15.21 40.51
C LYS I 43 67.33 -16.23 41.64
N SER I 44 66.54 -17.29 41.54
CA SER I 44 66.50 -18.34 42.55
C SER I 44 67.57 -19.42 42.42
N GLU I 45 68.34 -19.60 43.48
CA GLU I 45 69.39 -20.61 43.50
C GLU I 45 68.81 -22.02 43.63
N ASN I 46 67.71 -22.16 44.36
CA ASN I 46 67.09 -23.47 44.53
C ASN I 46 66.57 -24.00 43.20
N LEU I 47 65.96 -23.11 42.42
CA LEU I 47 65.43 -23.48 41.12
C LEU I 47 66.53 -24.01 40.23
N ILE I 48 67.71 -23.41 40.33
CA ILE I 48 68.84 -23.86 39.53
C ILE I 48 69.27 -25.24 40.00
N LYS I 49 69.43 -25.39 41.31
CA LYS I 49 69.85 -26.66 41.87
C LYS I 49 68.86 -27.80 41.66
N GLN I 50 67.59 -27.51 41.84
CA GLN I 50 66.57 -28.54 41.70
C GLN I 50 66.23 -28.98 40.27
N PHE I 51 66.26 -28.05 39.32
CA PHE I 51 65.88 -28.40 37.96
C PHE I 51 66.95 -28.34 36.88
N ILE I 52 67.83 -27.34 36.95
CA ILE I 52 68.86 -27.15 35.94
C ILE I 52 70.14 -27.95 36.11
N ALA I 53 70.76 -27.83 37.29
CA ALA I 53 72.00 -28.55 37.58
C ALA I 53 71.91 -30.04 37.24
N PRO I 54 70.88 -30.73 37.75
CA PRO I 54 70.74 -32.17 37.45
C PRO I 54 70.70 -32.46 35.95
N ARG I 55 69.95 -31.65 35.20
CA ARG I 55 69.85 -31.86 33.77
C ARG I 55 71.16 -31.54 33.04
N MET I 56 71.86 -30.49 33.47
CA MET I 56 73.12 -30.15 32.84
C MET I 56 74.17 -31.20 33.17
N GLN I 57 74.15 -31.71 34.41
CA GLN I 57 75.09 -32.73 34.83
C GLN I 57 74.90 -33.95 33.95
N PHE I 58 73.64 -34.32 33.73
CA PHE I 58 73.31 -35.46 32.89
C PHE I 58 73.91 -35.28 31.48
N LEU I 59 73.62 -34.15 30.85
CA LEU I 59 74.14 -33.90 29.50
C LEU I 59 75.67 -33.92 29.48
N ILE I 60 76.28 -33.24 30.44
CA ILE I 60 77.73 -33.18 30.53
C ILE I 60 78.33 -34.58 30.61
N ASP I 61 77.72 -35.45 31.41
CA ASP I 61 78.22 -36.81 31.55
C ASP I 61 78.10 -37.58 30.24
N GLU I 62 76.96 -37.46 29.59
CA GLU I 62 76.74 -38.15 28.33
C GLU I 62 77.66 -37.65 27.22
N LEU I 63 78.04 -36.38 27.26
CA LEU I 63 78.92 -35.82 26.23
C LEU I 63 80.39 -35.98 26.58
N ASN I 64 80.67 -36.54 27.75
CA ASN I 64 82.05 -36.72 28.20
C ASN I 64 82.77 -35.38 28.38
N VAL I 65 82.03 -34.35 28.80
CA VAL I 65 82.60 -33.03 29.07
C VAL I 65 83.12 -33.07 30.52
N LYS I 66 84.38 -32.72 30.70
CA LYS I 66 85.04 -32.75 32.02
C LYS I 66 84.93 -31.51 32.89
N SER I 67 84.48 -30.38 32.32
CA SER I 67 84.37 -29.17 33.11
C SER I 67 83.32 -29.35 34.21
N LYS I 68 83.42 -28.51 35.24
CA LYS I 68 82.51 -28.56 36.38
C LYS I 68 81.35 -27.60 36.25
N ILE I 69 80.22 -27.97 36.82
CA ILE I 69 79.06 -27.09 36.81
C ILE I 69 79.33 -26.11 37.95
N GLN I 70 79.40 -24.82 37.64
CA GLN I 70 79.62 -23.82 38.67
C GLN I 70 78.31 -23.08 38.94
N ILE I 71 78.07 -22.75 40.21
CA ILE I 71 76.89 -21.98 40.62
C ILE I 71 77.46 -20.72 41.28
N VAL I 72 77.45 -19.61 40.55
CA VAL I 72 77.99 -18.37 41.09
C VAL I 72 76.93 -17.33 41.46
N LYS I 73 77.09 -16.71 42.62
CA LYS I 73 76.17 -15.69 43.09
C LYS I 73 76.52 -14.31 42.56
N GLY I 74 75.57 -13.67 41.90
CA GLY I 74 75.78 -12.33 41.38
C GLY I 74 74.96 -11.38 42.22
N ASP I 75 75.10 -10.08 41.98
CA ASP I 75 74.36 -9.10 42.74
C ASP I 75 72.84 -9.26 42.60
N THR I 76 72.35 -9.36 41.36
CA THR I 76 70.92 -9.48 41.11
C THR I 76 70.39 -10.88 40.78
N ARG I 77 71.28 -11.86 40.61
CA ARG I 77 70.84 -13.22 40.28
C ARG I 77 71.94 -14.24 40.45
N TYR I 78 71.56 -15.52 40.48
CA TYR I 78 72.51 -16.60 40.58
C TYR I 78 72.84 -17.03 39.15
N GLU I 79 73.98 -17.68 38.98
CA GLU I 79 74.42 -18.08 37.64
C GLU I 79 74.96 -19.50 37.61
N LEU I 80 74.39 -20.32 36.74
CA LEU I 80 74.89 -21.68 36.57
C LEU I 80 75.82 -21.52 35.37
N ARG I 81 77.08 -21.92 35.55
CA ARG I 81 78.07 -21.75 34.50
C ARG I 81 78.96 -22.96 34.25
N VAL I 82 79.12 -23.33 32.98
CA VAL I 82 80.02 -24.43 32.63
C VAL I 82 81.12 -23.84 31.74
N SER I 83 82.35 -23.89 32.22
CA SER I 83 83.48 -23.35 31.46
C SER I 83 84.04 -24.47 30.60
N SER I 84 83.54 -24.57 29.37
CA SER I 84 83.95 -25.65 28.48
C SER I 84 83.89 -25.30 27.01
N LYS I 85 85.03 -25.33 26.35
CA LYS I 85 85.11 -25.01 24.93
C LYS I 85 84.23 -25.99 24.15
N LYS I 86 84.29 -27.26 24.53
CA LYS I 86 83.52 -28.29 23.86
C LYS I 86 82.01 -28.03 24.01
N LEU I 87 81.54 -27.78 25.23
CA LEU I 87 80.11 -27.52 25.44
C LEU I 87 79.67 -26.24 24.74
N TYR I 88 80.55 -25.25 24.68
CA TYR I 88 80.25 -23.99 24.03
C TYR I 88 79.89 -24.21 22.57
N TYR I 89 80.79 -24.86 21.84
CA TYR I 89 80.58 -25.10 20.43
C TYR I 89 79.45 -26.07 20.15
N TYR I 90 79.19 -26.98 21.09
CA TYR I 90 78.10 -27.93 20.96
C TYR I 90 76.79 -27.15 20.88
N PHE I 91 76.57 -26.24 21.83
CA PHE I 91 75.33 -25.46 21.83
C PHE I 91 75.28 -24.43 20.70
N ALA I 92 76.41 -23.77 20.43
CA ALA I 92 76.44 -22.77 19.37
C ALA I 92 76.07 -23.35 18.01
N ASN I 93 76.50 -24.57 17.74
CA ASN I 93 76.18 -25.20 16.47
C ASN I 93 74.74 -25.70 16.47
N MET I 94 74.27 -26.20 17.62
CA MET I 94 72.91 -26.71 17.72
C MET I 94 71.96 -25.58 17.37
N LEU I 95 72.41 -24.36 17.64
CA LEU I 95 71.64 -23.16 17.37
C LEU I 95 71.15 -23.14 15.93
N GLU I 96 71.93 -23.74 15.04
CA GLU I 96 71.59 -23.76 13.62
C GLU I 96 70.75 -24.97 13.23
N ARG I 97 70.60 -25.93 14.13
CA ARG I 97 69.82 -27.12 13.84
C ARG I 97 68.42 -27.08 14.46
N ILE I 98 68.10 -25.96 15.11
CA ILE I 98 66.79 -25.80 15.75
C ILE I 98 65.66 -25.94 14.73
N ARG I 99 65.80 -25.26 13.59
CA ARG I 99 64.80 -25.30 12.54
C ARG I 99 64.46 -26.73 12.09
N LEU I 100 65.26 -27.71 12.50
CA LEU I 100 65.00 -29.08 12.13
C LEU I 100 64.50 -29.91 13.29
N PHE I 101 64.31 -29.28 14.45
CA PHE I 101 63.80 -30.00 15.61
C PHE I 101 62.42 -30.55 15.31
N ASN I 102 62.22 -31.85 15.54
CA ASN I 102 60.92 -32.47 15.30
C ASN I 102 59.99 -32.20 16.47
N GLY I 103 58.78 -32.75 16.41
CA GLY I 103 57.79 -32.56 17.43
C GLY I 103 58.21 -32.43 18.89
N ASN I 104 58.62 -33.52 19.50
CA ASN I 104 59.04 -33.49 20.90
C ASN I 104 60.30 -32.70 21.21
N ARG I 105 61.28 -32.69 20.31
CA ARG I 105 62.48 -31.93 20.59
C ARG I 105 62.15 -30.45 20.55
N PHE I 106 61.26 -30.06 19.64
CA PHE I 106 60.88 -28.65 19.55
C PHE I 106 60.12 -28.18 20.79
N LEU I 107 59.33 -29.08 21.37
CA LEU I 107 58.56 -28.77 22.56
C LEU I 107 59.49 -28.59 23.76
N ALA I 108 60.54 -29.40 23.83
CA ALA I 108 61.50 -29.30 24.92
C ALA I 108 62.22 -27.96 24.76
N TYR I 109 62.59 -27.65 23.54
CA TYR I 109 63.25 -26.39 23.24
C TYR I 109 62.35 -25.22 23.67
N LEU I 110 61.10 -25.25 23.22
CA LEU I 110 60.14 -24.20 23.54
C LEU I 110 59.99 -24.07 25.06
N ALA I 111 59.85 -25.20 25.74
CA ALA I 111 59.74 -25.19 27.19
C ALA I 111 60.93 -24.44 27.81
N GLY I 112 62.11 -24.61 27.21
CA GLY I 112 63.29 -23.93 27.71
C GLY I 112 63.14 -22.42 27.56
N ILE I 113 62.72 -22.00 26.37
CA ILE I 113 62.48 -20.58 26.07
C ILE I 113 61.38 -20.01 26.97
N VAL I 114 60.37 -20.83 27.27
CA VAL I 114 59.28 -20.38 28.12
C VAL I 114 59.69 -20.21 29.59
N ASP I 115 60.38 -21.20 30.16
CA ASP I 115 60.82 -21.10 31.55
C ASP I 115 61.75 -19.90 31.71
N GLY I 116 62.28 -19.41 30.59
CA GLY I 116 63.18 -18.28 30.66
C GLY I 116 62.55 -16.94 30.38
N ASP I 117 62.13 -16.71 29.14
CA ASP I 117 61.52 -15.45 28.73
C ASP I 117 59.99 -15.51 28.63
N GLY I 118 59.39 -16.62 29.08
CA GLY I 118 57.95 -16.74 28.97
C GLY I 118 57.17 -16.38 30.21
N SER I 119 55.87 -16.17 30.04
CA SER I 119 55.02 -15.84 31.16
C SER I 119 53.65 -16.47 30.98
N ILE I 120 53.21 -17.23 31.99
CA ILE I 120 51.90 -17.86 31.97
C ILE I 120 51.06 -17.04 32.95
N ILE I 121 50.18 -16.22 32.37
CA ILE I 121 49.36 -15.26 33.11
C ILE I 121 47.87 -15.53 33.27
N ALA I 122 47.34 -15.20 34.44
CA ALA I 122 45.91 -15.34 34.72
C ALA I 122 45.49 -14.00 35.29
N GLN I 123 44.44 -13.40 34.75
CA GLN I 123 44.00 -12.11 35.26
C GLN I 123 42.50 -12.00 35.44
N ILE I 124 42.11 -11.08 36.33
CA ILE I 124 40.72 -10.79 36.61
C ILE I 124 40.61 -9.30 36.22
N LYS I 125 39.96 -9.04 35.09
CA LYS I 125 39.83 -7.67 34.60
C LYS I 125 38.46 -7.06 34.85
N PRO I 126 38.40 -5.99 35.68
CA PRO I 126 37.09 -5.38 35.92
C PRO I 126 36.50 -4.81 34.64
N ASN I 127 35.26 -5.19 34.36
CA ASN I 127 34.53 -4.79 33.17
C ASN I 127 33.04 -4.89 33.51
N GLN I 128 32.39 -3.75 33.69
CA GLN I 128 30.98 -3.72 34.07
C GLN I 128 30.02 -4.44 33.11
N SER I 129 30.52 -4.77 31.93
CA SER I 129 29.70 -5.45 30.94
C SER I 129 29.49 -6.94 31.24
N TYR I 130 30.21 -7.48 32.20
CA TYR I 130 30.06 -8.89 32.53
C TYR I 130 29.15 -9.08 33.73
N LYS I 131 28.43 -10.19 33.77
CA LYS I 131 27.52 -10.46 34.88
C LYS I 131 28.21 -10.37 36.24
N PHE I 132 29.40 -10.97 36.37
CA PHE I 132 30.11 -10.91 37.64
C PHE I 132 31.10 -9.72 37.68
N LYS I 133 30.92 -8.79 36.74
CA LYS I 133 31.72 -7.56 36.66
C LYS I 133 33.18 -7.69 36.34
N HIS I 134 33.60 -8.89 35.98
CA HIS I 134 35.01 -9.10 35.65
C HIS I 134 35.15 -10.13 34.56
N GLN I 135 36.22 -10.00 33.78
CA GLN I 135 36.51 -10.98 32.75
C GLN I 135 37.63 -11.85 33.29
N LEU I 136 37.51 -13.15 33.08
CA LEU I 136 38.56 -14.07 33.48
C LEU I 136 39.42 -14.15 32.21
N SER I 137 40.65 -13.65 32.28
CA SER I 137 41.58 -13.64 31.15
C SER I 137 42.80 -14.53 31.38
N LEU I 138 43.15 -15.32 30.36
CA LEU I 138 44.31 -16.21 30.44
C LEU I 138 45.29 -15.89 29.31
N THR I 139 46.58 -15.85 29.62
CA THR I 139 47.56 -15.52 28.59
C THR I 139 48.88 -16.27 28.63
N PHE I 140 49.32 -16.73 27.46
CA PHE I 140 50.61 -17.37 27.30
C PHE I 140 51.40 -16.35 26.48
N GLN I 141 52.58 -16.00 26.93
CA GLN I 141 53.36 -15.00 26.20
C GLN I 141 54.87 -15.25 26.28
N VAL I 142 55.58 -14.78 25.26
CA VAL I 142 57.03 -14.86 25.24
C VAL I 142 57.51 -13.47 24.85
N THR I 143 58.36 -12.88 25.67
CA THR I 143 58.88 -11.55 25.38
C THR I 143 60.31 -11.65 24.86
N GLN I 144 60.61 -10.86 23.83
CA GLN I 144 61.94 -10.86 23.23
C GLN I 144 62.25 -9.41 22.82
N LYS I 145 63.50 -8.99 22.90
CA LYS I 145 63.84 -7.62 22.50
C LYS I 145 63.40 -7.45 21.05
N THR I 146 62.96 -6.24 20.70
CA THR I 146 62.46 -5.99 19.35
C THR I 146 63.39 -6.40 18.19
N GLU I 147 64.70 -6.45 18.43
CA GLU I 147 65.63 -6.85 17.38
C GLU I 147 65.45 -8.33 17.04
N ARG I 148 64.93 -9.11 18.00
CA ARG I 148 64.72 -10.53 17.79
C ARG I 148 63.26 -10.86 17.53
N ARG I 149 62.53 -9.90 16.97
CA ARG I 149 61.13 -10.08 16.65
C ARG I 149 60.96 -11.21 15.65
N TRP I 150 61.98 -11.47 14.84
CA TRP I 150 61.88 -12.53 13.85
C TRP I 150 61.62 -13.87 14.56
N PHE I 151 62.14 -13.98 15.77
CA PHE I 151 61.99 -15.17 16.59
C PHE I 151 60.53 -15.38 16.98
N LEU I 152 59.87 -14.31 17.42
CA LEU I 152 58.47 -14.37 17.81
C LEU I 152 57.63 -14.72 16.58
N ASP I 153 57.97 -14.13 15.44
CA ASP I 153 57.26 -14.43 14.20
C ASP I 153 57.37 -15.92 13.92
N LYS I 154 58.57 -16.48 14.13
CA LYS I 154 58.79 -17.89 13.92
C LYS I 154 57.85 -18.71 14.81
N LEU I 155 57.69 -18.28 16.07
CA LEU I 155 56.79 -18.97 17.00
C LEU I 155 55.36 -19.02 16.44
N VAL I 156 54.90 -17.92 15.89
CA VAL I 156 53.56 -17.90 15.30
C VAL I 156 53.47 -18.96 14.21
N ASP I 157 54.53 -19.06 13.40
CA ASP I 157 54.58 -20.01 12.31
C ASP I 157 54.64 -21.45 12.79
N GLU I 158 55.37 -21.70 13.86
CA GLU I 158 55.50 -23.04 14.40
C GLU I 158 54.29 -23.49 15.19
N ILE I 159 53.88 -22.68 16.16
CA ILE I 159 52.74 -23.04 16.99
C ILE I 159 51.44 -23.11 16.22
N GLY I 160 51.23 -22.18 15.28
CA GLY I 160 50.01 -22.21 14.49
C GLY I 160 48.96 -21.18 14.84
N VAL I 161 48.98 -20.69 16.08
CA VAL I 161 48.03 -19.68 16.49
C VAL I 161 48.78 -18.58 17.23
N GLY I 162 48.08 -17.52 17.61
CA GLY I 162 48.73 -16.44 18.31
C GLY I 162 49.20 -15.35 17.37
N TYR I 163 49.74 -14.28 17.94
CA TYR I 163 50.24 -13.16 17.14
C TYR I 163 51.34 -12.45 17.88
N VAL I 164 51.96 -11.48 17.21
CA VAL I 164 53.05 -10.73 17.79
C VAL I 164 52.68 -9.25 17.93
N ARG I 165 53.06 -8.63 19.03
CA ARG I 165 52.78 -7.21 19.21
C ARG I 165 54.03 -6.49 19.65
N ASP I 166 54.25 -5.30 19.10
CA ASP I 166 55.42 -4.53 19.46
C ASP I 166 55.09 -3.44 20.46
N ARG I 167 55.91 -3.34 21.51
CA ARG I 167 55.72 -2.31 22.52
C ARG I 167 57.04 -1.60 22.82
N GLY I 168 57.61 -0.99 21.79
CA GLY I 168 58.85 -0.27 21.94
C GLY I 168 60.09 -1.10 21.72
N SER I 169 60.98 -1.08 22.71
CA SER I 169 62.23 -1.82 22.65
C SER I 169 62.03 -3.35 22.64
N VAL I 170 60.89 -3.82 23.17
CA VAL I 170 60.60 -5.25 23.20
C VAL I 170 59.30 -5.59 22.48
N SER I 171 59.06 -6.88 22.28
CA SER I 171 57.85 -7.36 21.63
C SER I 171 57.41 -8.64 22.32
N ASP I 172 56.18 -9.07 22.04
CA ASP I 172 55.66 -10.28 22.66
C ASP I 172 54.92 -11.18 21.71
N TYR I 173 55.02 -12.47 21.95
CA TYR I 173 54.24 -13.43 21.19
C TYR I 173 53.09 -13.64 22.17
N ILE I 174 51.86 -13.64 21.67
CA ILE I 174 50.70 -13.80 22.56
C ILE I 174 49.67 -14.80 22.08
N LEU I 175 49.21 -15.64 23.01
CA LEU I 175 48.19 -16.65 22.74
C LEU I 175 47.19 -16.58 23.91
N SER I 176 45.95 -16.22 23.61
CA SER I 176 44.91 -16.10 24.65
C SER I 176 43.62 -16.85 24.33
N GLU I 177 43.47 -17.25 23.07
CA GLU I 177 42.30 -18.01 22.63
C GLU I 177 42.21 -19.24 23.51
N ILE I 178 41.14 -19.37 24.28
CA ILE I 178 41.00 -20.50 25.20
C ILE I 178 41.22 -21.92 24.66
N LYS I 179 40.61 -22.27 23.53
CA LYS I 179 40.77 -23.63 23.01
C LYS I 179 42.21 -23.91 22.58
N PRO I 180 42.77 -23.08 21.68
CA PRO I 180 44.15 -23.32 21.25
C PRO I 180 45.09 -23.29 22.46
N LEU I 181 44.85 -22.36 23.38
CA LEU I 181 45.69 -22.23 24.56
C LEU I 181 45.69 -23.51 25.36
N HIS I 182 44.51 -24.05 25.61
CA HIS I 182 44.41 -25.29 26.35
C HIS I 182 45.16 -26.42 25.64
N ASN I 183 45.02 -26.48 24.33
CA ASN I 183 45.69 -27.51 23.56
C ASN I 183 47.21 -27.35 23.64
N PHE I 184 47.68 -26.13 23.44
CA PHE I 184 49.12 -25.84 23.48
C PHE I 184 49.74 -26.14 24.83
N LEU I 185 49.11 -25.71 25.91
CA LEU I 185 49.66 -25.96 27.24
C LEU I 185 49.57 -27.43 27.63
N THR I 186 48.62 -28.17 27.07
CA THR I 186 48.52 -29.59 27.38
C THR I 186 49.75 -30.28 26.80
N GLN I 187 50.22 -29.77 25.67
CA GLN I 187 51.39 -30.32 24.99
C GLN I 187 52.73 -29.89 25.58
N LEU I 188 52.82 -28.64 26.02
CA LEU I 188 54.08 -28.10 26.55
C LEU I 188 54.35 -28.45 28.00
N GLN I 189 53.29 -28.52 28.78
CA GLN I 189 53.38 -28.79 30.20
C GLN I 189 54.35 -29.85 30.72
N PRO I 190 54.37 -31.05 30.11
CA PRO I 190 55.27 -32.09 30.58
C PRO I 190 56.75 -31.71 30.49
N PHE I 191 57.05 -30.76 29.61
CA PHE I 191 58.42 -30.30 29.38
C PHE I 191 58.84 -29.11 30.23
N LEU I 192 57.90 -28.50 30.92
CA LEU I 192 58.22 -27.35 31.73
C LEU I 192 58.71 -27.74 33.11
N ASN I 193 59.56 -26.89 33.68
CA ASN I 193 60.03 -27.12 35.04
C ASN I 193 59.62 -25.97 35.93
N PHE I 194 60.14 -24.77 35.63
CA PHE I 194 59.84 -23.56 36.41
C PHE I 194 58.37 -23.16 36.41
N LYS I 195 57.73 -23.23 35.24
CA LYS I 195 56.36 -22.81 35.11
C LYS I 195 55.34 -23.93 34.91
N GLN I 196 55.66 -25.11 35.39
CA GLN I 196 54.75 -26.24 35.22
C GLN I 196 53.47 -26.07 36.06
N LYS I 197 53.62 -25.60 37.29
CA LYS I 197 52.46 -25.41 38.14
C LYS I 197 51.50 -24.39 37.56
N GLN I 198 52.01 -23.22 37.15
CA GLN I 198 51.10 -22.25 36.58
C GLN I 198 50.44 -22.79 35.31
N ALA I 199 51.16 -23.61 34.56
CA ALA I 199 50.59 -24.19 33.34
C ALA I 199 49.38 -25.07 33.66
N ASN I 200 49.51 -25.91 34.67
CA ASN I 200 48.43 -26.79 35.07
C ASN I 200 47.26 -26.05 35.72
N LEU I 201 47.54 -24.93 36.39
CA LEU I 201 46.46 -24.18 37.01
C LEU I 201 45.66 -23.48 35.89
N VAL I 202 46.36 -23.03 34.86
CA VAL I 202 45.67 -22.40 33.74
C VAL I 202 44.79 -23.44 33.07
N LEU I 203 45.31 -24.67 32.94
CA LEU I 203 44.54 -25.75 32.32
C LEU I 203 43.28 -26.02 33.12
N LYS I 204 43.40 -26.02 34.44
CA LYS I 204 42.25 -26.27 35.31
C LYS I 204 41.20 -25.14 35.23
N ILE I 205 41.66 -23.90 35.17
CA ILE I 205 40.75 -22.76 35.09
C ILE I 205 39.96 -22.79 33.79
N ILE I 206 40.63 -23.14 32.69
CA ILE I 206 39.96 -23.21 31.40
C ILE I 206 38.86 -24.26 31.46
N GLU I 207 39.17 -25.41 32.03
CA GLU I 207 38.19 -26.48 32.11
C GLU I 207 37.03 -26.15 33.03
N GLN I 208 37.19 -25.18 33.92
CA GLN I 208 36.12 -24.81 34.84
C GLN I 208 35.50 -23.44 34.57
N LEU I 209 36.00 -22.75 33.54
CA LEU I 209 35.48 -21.43 33.20
C LEU I 209 33.96 -21.41 32.96
N PRO I 210 33.43 -22.36 32.16
CA PRO I 210 31.97 -22.34 31.92
C PRO I 210 31.18 -22.47 33.23
N SER I 211 31.61 -23.40 34.08
CA SER I 211 30.95 -23.61 35.36
C SER I 211 31.13 -22.40 36.26
N ALA I 212 32.27 -21.73 36.12
CA ALA I 212 32.57 -20.54 36.92
C ALA I 212 31.58 -19.42 36.64
N LYS I 213 31.08 -19.35 35.41
CA LYS I 213 30.14 -18.33 35.00
C LYS I 213 28.70 -18.57 35.46
N GLU I 214 28.41 -19.77 35.94
CA GLU I 214 27.06 -20.11 36.39
C GLU I 214 26.78 -19.88 37.87
N SER I 215 27.78 -19.46 38.63
CA SER I 215 27.58 -19.27 40.07
C SER I 215 28.65 -18.37 40.70
N PRO I 216 28.23 -17.44 41.57
CA PRO I 216 29.15 -16.53 42.24
C PRO I 216 30.23 -17.27 43.03
N ASP I 217 29.83 -18.32 43.75
CA ASP I 217 30.79 -19.08 44.54
C ASP I 217 31.81 -19.82 43.68
N LYS I 218 31.36 -20.43 42.59
CA LYS I 218 32.30 -21.13 41.73
C LYS I 218 33.20 -20.11 41.03
N PHE I 219 32.66 -18.95 40.70
CA PHE I 219 33.46 -17.93 40.07
C PHE I 219 34.59 -17.50 41.01
N LEU I 220 34.28 -17.33 42.29
CA LEU I 220 35.28 -16.94 43.28
C LEU I 220 36.32 -18.03 43.47
N GLU I 221 35.89 -19.28 43.43
CA GLU I 221 36.81 -20.38 43.59
C GLU I 221 37.87 -20.32 42.48
N VAL I 222 37.41 -20.22 41.24
CA VAL I 222 38.31 -20.14 40.10
C VAL I 222 39.21 -18.89 40.23
N CYS I 223 38.69 -17.79 40.78
CA CYS I 223 39.51 -16.58 40.98
C CYS I 223 40.61 -16.91 42.01
N THR I 224 40.33 -17.88 42.86
CA THR I 224 41.31 -18.33 43.86
C THR I 224 42.50 -18.95 43.12
N TRP I 225 42.22 -19.76 42.11
CA TRP I 225 43.28 -20.39 41.32
C TRP I 225 44.10 -19.36 40.58
N VAL I 226 43.49 -18.24 40.18
CA VAL I 226 44.30 -17.23 39.52
C VAL I 226 45.20 -16.54 40.56
N ASP I 227 44.74 -16.44 41.81
CA ASP I 227 45.57 -15.87 42.88
C ASP I 227 46.85 -16.73 43.01
N GLN I 228 46.67 -18.05 42.98
CA GLN I 228 47.76 -19.00 43.10
C GLN I 228 48.80 -18.88 42.00
N ILE I 229 48.35 -18.63 40.77
CA ILE I 229 49.26 -18.46 39.66
C ILE I 229 50.10 -17.20 39.89
N ALA I 230 49.44 -16.10 40.24
CA ALA I 230 50.14 -14.85 40.50
C ALA I 230 51.17 -15.03 41.61
N ALA I 231 50.84 -15.84 42.62
CA ALA I 231 51.77 -16.07 43.71
C ALA I 231 53.01 -16.82 43.20
N LEU I 232 52.82 -17.74 42.26
CA LEU I 232 53.94 -18.49 41.69
C LEU I 232 54.82 -17.62 40.79
N ASN I 233 54.23 -16.59 40.18
CA ASN I 233 54.96 -15.67 39.29
C ASN I 233 55.66 -14.54 40.08
N ASP I 234 56.47 -13.74 39.40
CA ASP I 234 57.14 -12.61 40.07
C ASP I 234 56.13 -11.46 40.08
N SER I 235 55.02 -11.67 40.78
CA SER I 235 53.94 -10.68 40.87
C SER I 235 54.29 -9.44 41.70
N LYS I 236 54.32 -8.29 41.05
CA LYS I 236 54.64 -7.03 41.71
C LYS I 236 53.59 -5.93 41.55
N THR I 237 52.94 -5.86 40.39
CA THR I 237 51.91 -4.83 40.15
C THR I 237 50.46 -5.34 40.04
N ARG I 238 50.12 -6.39 40.77
CA ARG I 238 48.77 -6.94 40.72
C ARG I 238 47.76 -6.09 41.51
N LYS I 239 46.55 -5.93 40.98
CA LYS I 239 45.52 -5.12 41.63
C LYS I 239 44.23 -5.89 41.96
N THR I 240 43.64 -6.54 40.97
CA THR I 240 42.40 -7.27 41.21
C THR I 240 42.66 -8.71 41.62
N THR I 241 42.17 -9.07 42.81
CA THR I 241 42.33 -10.41 43.34
C THR I 241 40.96 -11.03 43.55
N SER I 242 40.94 -12.27 44.02
CA SER I 242 39.68 -12.95 44.25
C SER I 242 38.90 -12.25 45.35
N GLU I 243 39.60 -11.66 46.31
CA GLU I 243 38.91 -10.99 47.41
C GLU I 243 38.28 -9.69 46.92
N THR I 244 38.93 -9.02 45.96
CA THR I 244 38.41 -7.79 45.37
C THR I 244 37.08 -8.15 44.68
N VAL I 245 37.10 -9.28 43.97
CA VAL I 245 35.91 -9.74 43.27
C VAL I 245 34.81 -10.03 44.28
N ARG I 246 35.15 -10.72 45.38
CA ARG I 246 34.16 -11.05 46.40
C ARG I 246 33.44 -9.80 46.91
N ALA I 247 34.21 -8.77 47.23
CA ALA I 247 33.62 -7.53 47.74
C ALA I 247 32.62 -6.96 46.73
N VAL I 248 32.96 -7.01 45.44
CA VAL I 248 32.04 -6.51 44.43
C VAL I 248 30.78 -7.37 44.42
N LEU I 249 30.94 -8.68 44.39
CA LEU I 249 29.76 -9.55 44.37
C LEU I 249 28.89 -9.38 45.60
N ASP I 250 29.50 -9.21 46.77
CA ASP I 250 28.75 -9.03 48.00
C ASP I 250 27.86 -7.80 47.91
N SER I 251 28.41 -6.68 47.42
CA SER I 251 27.65 -5.45 47.33
C SER I 251 26.50 -5.56 46.33
N LEU I 252 26.63 -6.48 45.38
CA LEU I 252 25.59 -6.71 44.38
C LEU I 252 24.37 -7.36 45.04
N GLU J 5 4.54 6.62 11.96
CA GLU J 5 4.79 5.39 12.75
C GLU J 5 5.84 5.58 13.84
N ASN J 6 5.63 4.91 14.98
CA ASN J 6 6.53 5.05 16.11
C ASN J 6 6.86 3.71 16.76
N VAL J 7 7.63 3.75 17.84
CA VAL J 7 8.05 2.55 18.56
C VAL J 7 6.86 1.81 19.16
N SER J 8 5.90 2.56 19.68
CA SER J 8 4.71 1.99 20.28
C SER J 8 3.93 1.09 19.30
N GLY J 9 3.70 1.60 18.09
CA GLY J 9 2.96 0.87 17.08
C GLY J 9 3.78 -0.21 16.38
N ILE J 10 5.02 0.13 16.02
CA ILE J 10 5.91 -0.84 15.36
C ILE J 10 6.13 -2.06 16.25
N SER J 11 6.47 -1.81 17.52
CA SER J 11 6.72 -2.90 18.45
C SER J 11 5.47 -3.77 18.67
N ALA J 12 4.31 -3.13 18.80
CA ALA J 12 3.07 -3.87 19.01
C ALA J 12 2.78 -4.72 17.77
N TYR J 13 2.88 -4.13 16.58
CA TYR J 13 2.62 -4.86 15.36
C TYR J 13 3.57 -6.06 15.23
N LEU J 14 4.87 -5.82 15.37
CA LEU J 14 5.84 -6.91 15.27
C LEU J 14 5.57 -8.02 16.27
N LEU J 15 5.19 -7.65 17.50
CA LEU J 15 4.90 -8.69 18.50
C LEU J 15 3.73 -9.55 18.02
N GLY J 16 2.79 -8.92 17.32
CA GLY J 16 1.65 -9.65 16.80
C GLY J 16 2.11 -10.62 15.72
N LEU J 17 2.98 -10.15 14.84
CA LEU J 17 3.51 -11.01 13.79
C LEU J 17 4.34 -12.13 14.40
N ILE J 18 5.12 -11.81 15.44
CA ILE J 18 5.96 -12.81 16.09
C ILE J 18 5.06 -13.89 16.68
N TRP J 19 4.04 -13.47 17.40
CA TRP J 19 3.09 -14.40 17.99
C TRP J 19 2.42 -15.23 16.89
N GLY J 20 2.03 -14.57 15.81
CA GLY J 20 1.36 -15.25 14.72
C GLY J 20 2.17 -16.22 13.87
N ASP J 21 3.23 -15.72 13.25
CA ASP J 21 4.07 -16.53 12.36
C ASP J 21 5.52 -16.72 12.80
N GLY J 22 5.81 -16.54 14.08
CA GLY J 22 7.18 -16.68 14.52
C GLY J 22 7.29 -17.19 15.93
N GLY J 23 8.25 -16.66 16.68
CA GLY J 23 8.42 -17.10 18.04
C GLY J 23 9.58 -16.42 18.74
N LEU J 24 9.70 -16.72 20.03
CA LEU J 24 10.74 -16.18 20.89
C LEU J 24 11.41 -17.42 21.46
N TYR J 25 12.70 -17.58 21.16
CA TYR J 25 13.42 -18.76 21.62
C TYR J 25 14.68 -18.52 22.42
N LYS J 26 14.75 -19.20 23.56
CA LYS J 26 15.94 -19.14 24.42
C LYS J 26 16.57 -20.52 24.22
N LEU J 27 17.73 -20.56 23.58
CA LEU J 27 18.40 -21.83 23.30
C LEU J 27 19.67 -22.10 24.09
N LYS J 28 19.94 -23.38 24.29
CA LYS J 28 21.13 -23.84 25.01
C LYS J 28 21.85 -24.81 24.08
N TYR J 29 23.08 -24.48 23.72
CA TYR J 29 23.89 -25.28 22.81
C TYR J 29 25.02 -26.03 23.52
N LYS J 30 25.58 -27.03 22.83
CA LYS J 30 26.68 -27.80 23.38
C LYS J 30 27.89 -26.89 23.43
N GLY J 31 28.72 -27.06 24.46
CA GLY J 31 29.90 -26.24 24.61
C GLY J 31 29.61 -25.08 25.55
N ASN J 32 28.51 -25.19 26.29
CA ASN J 32 28.11 -24.16 27.23
C ASN J 32 27.80 -22.83 26.55
N ARG J 33 27.29 -22.91 25.32
CA ARG J 33 26.94 -21.72 24.56
C ARG J 33 25.42 -21.50 24.63
N SER J 34 24.94 -20.34 24.18
CA SER J 34 23.51 -20.09 24.23
C SER J 34 23.08 -19.14 23.11
N GLU J 35 21.79 -18.82 23.07
CA GLU J 35 21.26 -17.90 22.05
C GLU J 35 19.82 -17.46 22.32
N TYR J 36 19.52 -16.22 21.99
CA TYR J 36 18.17 -15.69 22.19
C TYR J 36 17.69 -15.17 20.85
N ARG J 37 16.63 -15.78 20.34
CA ARG J 37 16.09 -15.40 19.03
C ARG J 37 14.71 -14.77 18.99
N VAL J 38 14.56 -13.80 18.10
CA VAL J 38 13.30 -13.13 17.86
C VAL J 38 13.04 -13.48 16.39
N VAL J 39 12.02 -14.29 16.15
CA VAL J 39 11.74 -14.77 14.79
C VAL J 39 10.36 -14.52 14.20
N ILE J 40 10.33 -14.30 12.90
CA ILE J 40 9.09 -14.14 12.14
C ILE J 40 9.32 -14.92 10.85
N THR J 41 8.62 -16.03 10.66
CA THR J 41 8.77 -16.81 9.44
C THR J 41 7.72 -16.39 8.41
N GLN J 42 8.03 -16.59 7.15
CA GLN J 42 7.13 -16.19 6.07
C GLN J 42 7.64 -16.77 4.75
N LYS J 43 6.76 -17.45 4.04
CA LYS J 43 7.08 -18.07 2.75
C LYS J 43 7.75 -17.12 1.77
N SER J 44 7.22 -15.91 1.64
CA SER J 44 7.79 -14.93 0.71
C SER J 44 8.91 -14.07 1.28
N GLU J 45 10.05 -14.08 0.62
CA GLU J 45 11.18 -13.28 1.04
C GLU J 45 10.89 -11.81 0.83
N ASN J 46 10.29 -11.49 -0.31
CA ASN J 46 9.96 -10.11 -0.64
C ASN J 46 9.05 -9.45 0.39
N LEU J 47 8.06 -10.18 0.89
CA LEU J 47 7.16 -9.62 1.89
C LEU J 47 7.95 -9.26 3.15
N ILE J 48 8.99 -10.04 3.43
CA ILE J 48 9.79 -9.79 4.61
C ILE J 48 10.63 -8.54 4.38
N LYS J 49 11.25 -8.47 3.23
CA LYS J 49 12.11 -7.33 2.93
C LYS J 49 11.39 -6.01 2.75
N GLN J 50 10.20 -6.05 2.16
CA GLN J 50 9.44 -4.84 1.93
C GLN J 50 8.70 -4.30 3.17
N PHE J 51 8.14 -5.19 3.97
CA PHE J 51 7.38 -4.74 5.13
C PHE J 51 7.94 -4.98 6.52
N ILE J 52 8.59 -6.13 6.72
CA ILE J 52 9.08 -6.47 8.05
C ILE J 52 10.46 -5.95 8.42
N ALA J 53 11.47 -6.28 7.63
CA ALA J 53 12.84 -5.85 7.89
C ALA J 53 12.95 -4.36 8.21
N PRO J 54 12.33 -3.51 7.38
CA PRO J 54 12.42 -2.07 7.67
C PRO J 54 11.86 -1.68 9.03
N ARG J 55 10.75 -2.28 9.44
CA ARG J 55 10.18 -1.94 10.73
C ARG J 55 11.00 -2.52 11.89
N MET J 56 11.58 -3.69 11.66
CA MET J 56 12.39 -4.29 12.71
C MET J 56 13.69 -3.50 12.84
N GLN J 57 14.19 -2.99 11.71
CA GLN J 57 15.43 -2.22 11.70
C GLN J 57 15.20 -0.92 12.48
N PHE J 58 14.03 -0.32 12.26
CA PHE J 58 13.65 0.91 12.94
C PHE J 58 13.61 0.71 14.45
N LEU J 59 12.93 -0.35 14.88
CA LEU J 59 12.81 -0.67 16.30
C LEU J 59 14.18 -0.96 16.92
N ILE J 60 14.98 -1.75 16.21
CA ILE J 60 16.31 -2.11 16.67
C ILE J 60 17.13 -0.84 16.90
N ASP J 61 17.09 0.08 15.94
CA ASP J 61 17.85 1.32 16.09
C ASP J 61 17.40 2.12 17.31
N GLU J 62 16.09 2.28 17.48
CA GLU J 62 15.54 3.03 18.60
C GLU J 62 15.80 2.40 19.95
N LEU J 63 15.96 1.09 19.99
CA LEU J 63 16.20 0.40 21.26
C LEU J 63 17.70 0.21 21.49
N ASN J 64 18.48 0.67 20.51
CA ASN J 64 19.93 0.54 20.59
C ASN J 64 20.38 -0.91 20.72
N VAL J 65 19.71 -1.79 19.97
CA VAL J 65 20.06 -3.21 19.95
C VAL J 65 21.08 -3.29 18.84
N LYS J 66 22.20 -3.95 19.11
CA LYS J 66 23.30 -4.07 18.15
C LYS J 66 23.27 -5.32 17.25
N SER J 67 22.46 -6.31 17.58
CA SER J 67 22.42 -7.51 16.75
C SER J 67 21.91 -7.14 15.35
N LYS J 68 22.22 -7.97 14.36
CA LYS J 68 21.79 -7.67 13.01
C LYS J 68 20.59 -8.48 12.58
N ILE J 69 19.82 -7.93 11.65
CA ILE J 69 18.66 -8.63 11.14
C ILE J 69 19.14 -9.65 10.12
N GLN J 70 18.80 -10.91 10.35
CA GLN J 70 19.19 -11.99 9.45
C GLN J 70 17.96 -12.50 8.72
N ILE J 71 18.13 -12.81 7.44
CA ILE J 71 17.06 -13.38 6.62
C ILE J 71 17.62 -14.75 6.23
N VAL J 72 17.01 -15.82 6.73
CA VAL J 72 17.51 -17.16 6.40
C VAL J 72 16.52 -17.99 5.59
N LYS J 73 17.02 -18.71 4.59
CA LYS J 73 16.15 -19.55 3.77
C LYS J 73 15.96 -20.92 4.38
N GLY J 74 14.70 -21.33 4.51
CA GLY J 74 14.38 -22.63 5.04
C GLY J 74 13.73 -23.49 3.98
N ASP J 75 13.54 -24.77 4.27
CA ASP J 75 12.94 -25.67 3.30
C ASP J 75 11.55 -25.21 2.84
N THR J 76 10.70 -24.79 3.77
CA THR J 76 9.35 -24.36 3.45
C THR J 76 9.05 -22.86 3.57
N ARG J 77 9.99 -22.07 4.05
CA ARG J 77 9.77 -20.63 4.21
C ARG J 77 11.03 -19.85 4.52
N TYR J 78 10.93 -18.53 4.49
CA TYR J 78 12.05 -17.68 4.85
C TYR J 78 11.87 -17.29 6.31
N GLU J 79 12.96 -16.92 6.95
CA GLU J 79 12.94 -16.54 8.35
C GLU J 79 13.68 -15.26 8.62
N LEU J 80 13.00 -14.31 9.26
CA LEU J 80 13.67 -13.07 9.64
C LEU J 80 14.07 -13.39 11.08
N ARG J 81 15.34 -13.22 11.40
CA ARG J 81 15.82 -13.57 12.74
C ARG J 81 16.74 -12.54 13.34
N VAL J 82 16.46 -12.16 14.59
CA VAL J 82 17.33 -11.22 15.30
C VAL J 82 17.84 -11.99 16.51
N SER J 83 19.14 -12.25 16.51
CA SER J 83 19.80 -12.97 17.61
C SER J 83 20.13 -11.94 18.67
N SER J 84 19.25 -11.75 19.64
CA SER J 84 19.47 -10.73 20.66
C SER J 84 18.83 -10.95 22.02
N LYS J 85 19.65 -11.19 23.03
CA LYS J 85 19.13 -11.39 24.37
C LYS J 85 18.23 -10.22 24.78
N LYS J 86 18.70 -9.00 24.53
CA LYS J 86 17.94 -7.82 24.88
C LYS J 86 16.57 -7.76 24.17
N LEU J 87 16.55 -7.97 22.85
CA LEU J 87 15.30 -7.93 22.10
C LEU J 87 14.35 -9.05 22.54
N TYR J 88 14.92 -10.22 22.81
CA TYR J 88 14.13 -11.36 23.26
C TYR J 88 13.35 -11.03 24.53
N TYR J 89 14.02 -10.45 25.52
CA TYR J 89 13.33 -10.12 26.78
C TYR J 89 12.38 -8.93 26.65
N TYR J 90 12.70 -8.02 25.74
CA TYR J 90 11.85 -6.87 25.52
C TYR J 90 10.49 -7.40 25.06
N PHE J 91 10.50 -8.25 24.04
CA PHE J 91 9.25 -8.81 23.54
C PHE J 91 8.62 -9.81 24.52
N ALA J 92 9.42 -10.63 25.18
CA ALA J 92 8.84 -11.58 26.13
C ALA J 92 8.07 -10.87 27.25
N ASN J 93 8.57 -9.74 27.73
CA ASN J 93 7.88 -9.02 28.79
C ASN J 93 6.68 -8.23 28.26
N MET J 94 6.79 -7.75 27.02
CA MET J 94 5.70 -7.00 26.43
C MET J 94 4.48 -7.92 26.32
N LEU J 95 4.75 -9.21 26.20
CA LEU J 95 3.69 -10.21 26.10
C LEU J 95 2.70 -10.02 27.26
N GLU J 96 3.24 -9.71 28.45
CA GLU J 96 2.41 -9.51 29.62
C GLU J 96 1.73 -8.14 29.69
N ARG J 97 2.16 -7.21 28.84
CA ARG J 97 1.58 -5.87 28.82
C ARG J 97 0.52 -5.68 27.74
N ILE J 98 0.23 -6.73 26.97
CA ILE J 98 -0.74 -6.64 25.89
C ILE J 98 -2.13 -6.23 26.38
N ARG J 99 -2.55 -6.78 27.51
CA ARG J 99 -3.87 -6.44 28.05
C ARG J 99 -4.01 -4.97 28.39
N LEU J 100 -2.91 -4.23 28.38
CA LEU J 100 -2.96 -2.80 28.68
C LEU J 100 -2.85 -1.94 27.43
N PHE J 101 -2.80 -2.57 26.26
CA PHE J 101 -2.72 -1.82 25.00
C PHE J 101 -4.00 -1.02 24.77
N ASN J 102 -3.85 0.28 24.53
CA ASN J 102 -5.00 1.14 24.28
C ASN J 102 -5.40 1.05 22.82
N GLY J 103 -6.38 1.86 22.44
CA GLY J 103 -6.89 1.88 21.08
C GLY J 103 -5.96 1.58 19.92
N ASN J 104 -5.21 2.58 19.48
CA ASN J 104 -4.32 2.41 18.33
C ASN J 104 -3.22 1.38 18.53
N ARG J 105 -2.71 1.26 19.75
CA ARG J 105 -1.65 0.30 19.99
C ARG J 105 -2.22 -1.11 19.85
N PHE J 106 -3.47 -1.30 20.27
CA PHE J 106 -4.08 -2.61 20.17
C PHE J 106 -4.36 -3.00 18.72
N LEU J 107 -4.67 -2.00 17.89
CA LEU J 107 -4.95 -2.24 16.49
C LEU J 107 -3.67 -2.65 15.77
N ALA J 108 -2.56 -2.02 16.12
CA ALA J 108 -1.26 -2.37 15.52
C ALA J 108 -0.96 -3.82 15.86
N TYR J 109 -1.14 -4.17 17.13
CA TYR J 109 -0.91 -5.53 17.60
C TYR J 109 -1.81 -6.53 16.86
N LEU J 110 -3.10 -6.24 16.84
CA LEU J 110 -4.08 -7.08 16.17
C LEU J 110 -3.74 -7.27 14.69
N ALA J 111 -3.28 -6.19 14.05
CA ALA J 111 -2.90 -6.27 12.64
C ALA J 111 -1.70 -7.19 12.45
N GLY J 112 -0.90 -7.35 13.51
CA GLY J 112 0.25 -8.21 13.42
C GLY J 112 -0.24 -9.65 13.46
N ILE J 113 -1.19 -9.91 14.37
CA ILE J 113 -1.78 -11.24 14.51
C ILE J 113 -2.51 -11.62 13.22
N VAL J 114 -3.13 -10.62 12.59
CA VAL J 114 -3.88 -10.86 11.36
C VAL J 114 -2.97 -11.12 10.17
N ASP J 115 -1.96 -10.28 9.99
CA ASP J 115 -1.04 -10.48 8.87
C ASP J 115 -0.42 -11.89 8.96
N GLY J 116 -0.32 -12.43 10.17
CA GLY J 116 0.25 -13.75 10.33
C GLY J 116 -0.75 -14.91 10.34
N ASP J 117 -1.66 -14.93 11.31
CA ASP J 117 -2.62 -16.03 11.40
C ASP J 117 -4.04 -15.69 10.94
N GLY J 118 -4.22 -14.52 10.36
CA GLY J 118 -5.56 -14.16 9.93
C GLY J 118 -5.87 -14.51 8.50
N SER J 119 -7.11 -14.25 8.10
CA SER J 119 -7.54 -14.48 6.74
C SER J 119 -8.73 -13.59 6.40
N ILE J 120 -8.59 -12.86 5.30
CA ILE J 120 -9.63 -11.98 4.82
C ILE J 120 -10.17 -12.65 3.57
N ILE J 121 -11.36 -13.24 3.72
CA ILE J 121 -12.01 -14.04 2.70
C ILE J 121 -13.27 -13.51 2.02
N ALA J 122 -13.32 -13.65 0.70
CA ALA J 122 -14.49 -13.26 -0.08
C ALA J 122 -14.91 -14.54 -0.80
N GLN J 123 -16.19 -14.87 -0.78
CA GLN J 123 -16.66 -16.08 -1.45
C GLN J 123 -17.97 -15.91 -2.20
N ILE J 124 -18.16 -16.81 -3.17
CA ILE J 124 -19.38 -16.84 -3.98
C ILE J 124 -19.93 -18.24 -3.72
N LYS J 125 -21.01 -18.31 -2.94
CA LYS J 125 -21.60 -19.60 -2.61
C LYS J 125 -22.86 -19.94 -3.38
N PRO J 126 -22.79 -21.02 -4.18
CA PRO J 126 -23.96 -21.45 -4.97
C PRO J 126 -25.13 -21.71 -4.01
N ASN J 127 -26.28 -21.13 -4.30
CA ASN J 127 -27.48 -21.30 -3.47
C ASN J 127 -28.66 -20.89 -4.32
N GLN J 128 -29.42 -21.87 -4.78
CA GLN J 128 -30.57 -21.63 -5.66
C GLN J 128 -31.64 -20.69 -5.11
N SER J 129 -31.66 -20.44 -3.81
CA SER J 129 -32.67 -19.55 -3.27
C SER J 129 -32.39 -18.07 -3.50
N TYR J 130 -31.22 -17.74 -4.05
CA TYR J 130 -30.87 -16.34 -4.32
C TYR J 130 -31.20 -15.99 -5.78
N LYS J 131 -31.65 -14.76 -6.03
CA LYS J 131 -31.99 -14.36 -7.38
C LYS J 131 -30.88 -14.69 -8.37
N PHE J 132 -29.63 -14.34 -8.05
CA PHE J 132 -28.51 -14.61 -8.94
C PHE J 132 -27.87 -15.97 -8.69
N LYS J 133 -28.59 -16.83 -7.99
CA LYS J 133 -28.15 -18.19 -7.70
C LYS J 133 -26.93 -18.35 -6.81
N HIS J 134 -26.43 -17.23 -6.27
CA HIS J 134 -25.27 -17.30 -5.39
C HIS J 134 -25.32 -16.26 -4.30
N GLN J 135 -24.72 -16.57 -3.16
CA GLN J 135 -24.64 -15.62 -2.08
C GLN J 135 -23.22 -15.03 -2.06
N LEU J 136 -23.12 -13.72 -1.85
CA LEU J 136 -21.82 -13.06 -1.73
C LEU J 136 -21.53 -13.10 -0.22
N SER J 137 -20.43 -13.76 0.14
CA SER J 137 -20.04 -13.93 1.54
C SER J 137 -18.66 -13.33 1.86
N LEU J 138 -18.57 -12.62 2.98
CA LEU J 138 -17.31 -12.00 3.39
C LEU J 138 -16.96 -12.42 4.82
N THR J 139 -15.72 -12.86 5.02
CA THR J 139 -15.29 -13.32 6.32
C THR J 139 -13.92 -12.84 6.77
N PHE J 140 -13.85 -12.44 8.04
CA PHE J 140 -12.59 -12.05 8.65
C PHE J 140 -12.43 -13.12 9.71
N GLN J 141 -11.30 -13.81 9.70
CA GLN J 141 -11.07 -14.83 10.71
C GLN J 141 -9.61 -14.87 11.16
N VAL J 142 -9.41 -15.43 12.35
CA VAL J 142 -8.09 -15.63 12.91
C VAL J 142 -8.12 -17.07 13.40
N THR J 143 -7.16 -17.87 12.97
CA THR J 143 -7.09 -19.27 13.38
C THR J 143 -6.00 -19.49 14.41
N GLN J 144 -6.26 -20.36 15.38
CA GLN J 144 -5.31 -20.65 16.44
C GLN J 144 -5.51 -22.09 16.91
N LYS J 145 -4.44 -22.77 17.33
CA LYS J 145 -4.57 -24.14 17.80
C LYS J 145 -5.55 -24.14 18.98
N THR J 146 -6.31 -25.23 19.09
CA THR J 146 -7.31 -25.36 20.15
C THR J 146 -6.83 -24.99 21.55
N GLU J 147 -5.55 -25.24 21.85
CA GLU J 147 -4.99 -24.89 23.16
C GLU J 147 -5.08 -23.39 23.45
N ARG J 148 -4.86 -22.56 22.42
CA ARG J 148 -4.90 -21.12 22.61
C ARG J 148 -6.28 -20.55 22.33
N ARG J 149 -7.29 -21.39 22.55
CA ARG J 149 -8.68 -21.03 22.38
C ARG J 149 -8.98 -19.74 23.16
N TRP J 150 -8.42 -19.64 24.36
CA TRP J 150 -8.61 -18.47 25.22
C TRP J 150 -8.28 -17.16 24.49
N PHE J 151 -7.30 -17.23 23.61
CA PHE J 151 -6.85 -16.07 22.85
C PHE J 151 -7.97 -15.57 21.94
N LEU J 152 -8.70 -16.49 21.32
CA LEU J 152 -9.80 -16.14 20.41
C LEU J 152 -10.98 -15.58 21.20
N ASP J 153 -11.23 -16.13 22.39
CA ASP J 153 -12.32 -15.65 23.23
C ASP J 153 -12.01 -14.19 23.60
N LYS J 154 -10.73 -13.94 23.83
CA LYS J 154 -10.28 -12.59 24.17
C LYS J 154 -10.58 -11.64 23.02
N LEU J 155 -10.37 -12.10 21.79
CA LEU J 155 -10.65 -11.28 20.61
C LEU J 155 -12.13 -10.89 20.59
N VAL J 156 -13.01 -11.84 20.86
CA VAL J 156 -14.44 -11.54 20.87
C VAL J 156 -14.73 -10.41 21.86
N ASP J 157 -14.09 -10.46 23.03
CA ASP J 157 -14.30 -9.44 24.06
C ASP J 157 -13.78 -8.07 23.62
N GLU J 158 -12.56 -8.05 23.08
CA GLU J 158 -11.95 -6.81 22.63
C GLU J 158 -12.69 -6.20 21.46
N ILE J 159 -12.78 -6.93 20.36
CA ILE J 159 -13.45 -6.43 19.16
C ILE J 159 -14.91 -6.09 19.43
N GLY J 160 -15.60 -6.94 20.20
CA GLY J 160 -16.99 -6.67 20.52
C GLY J 160 -18.03 -7.39 19.69
N VAL J 161 -17.60 -8.10 18.65
CA VAL J 161 -18.54 -8.83 17.79
C VAL J 161 -17.84 -10.10 17.31
N GLY J 162 -18.60 -11.02 16.73
CA GLY J 162 -18.03 -12.25 16.24
C GLY J 162 -18.10 -13.37 17.26
N TYR J 163 -17.68 -14.56 16.85
CA TYR J 163 -17.70 -15.73 17.71
C TYR J 163 -16.52 -16.65 17.43
N VAL J 164 -16.40 -17.70 18.24
CA VAL J 164 -15.34 -18.67 18.10
C VAL J 164 -15.97 -20.03 17.77
N ARG J 165 -15.29 -20.82 16.95
CA ARG J 165 -15.81 -22.14 16.62
C ARG J 165 -14.65 -23.13 16.58
N ASP J 166 -14.88 -24.32 17.11
CA ASP J 166 -13.84 -25.32 17.13
C ASP J 166 -14.00 -26.28 15.97
N ARG J 167 -12.88 -26.69 15.39
CA ARG J 167 -12.89 -27.65 14.30
C ARG J 167 -11.72 -28.61 14.51
N GLY J 168 -11.68 -29.18 15.71
CA GLY J 168 -10.64 -30.14 16.05
C GLY J 168 -9.37 -29.56 16.64
N SER J 169 -8.25 -29.85 15.98
CA SER J 169 -6.94 -29.38 16.41
C SER J 169 -6.86 -27.85 16.51
N VAL J 170 -7.72 -27.14 15.78
CA VAL J 170 -7.70 -25.68 15.80
C VAL J 170 -9.09 -25.05 15.96
N SER J 171 -9.12 -23.73 16.17
CA SER J 171 -10.35 -22.99 16.34
C SER J 171 -10.23 -21.67 15.56
N ASP J 172 -11.35 -21.00 15.33
CA ASP J 172 -11.33 -19.75 14.59
C ASP J 172 -12.17 -18.66 15.23
N TYR J 173 -11.68 -17.43 15.15
CA TYR J 173 -12.48 -16.30 15.61
C TYR J 173 -13.10 -15.93 14.26
N ILE J 174 -14.40 -15.64 14.22
CA ILE J 174 -15.05 -15.32 12.96
C ILE J 174 -15.98 -14.12 13.00
N LEU J 175 -15.83 -13.24 12.02
CA LEU J 175 -16.66 -12.05 11.91
C LEU J 175 -17.10 -11.92 10.45
N SER J 176 -18.40 -12.07 10.21
CA SER J 176 -18.96 -12.00 8.86
C SER J 176 -20.11 -11.02 8.73
N GLU J 177 -20.70 -10.63 9.86
CA GLU J 177 -21.80 -9.66 9.87
C GLU J 177 -21.28 -8.44 9.12
N ILE J 178 -21.94 -8.08 8.02
CA ILE J 178 -21.49 -6.97 7.19
C ILE J 178 -21.21 -5.59 7.80
N LYS J 179 -22.19 -4.98 8.46
CA LYS J 179 -21.97 -3.66 9.01
C LYS J 179 -20.79 -3.63 9.99
N PRO J 180 -20.78 -4.54 10.98
CA PRO J 180 -19.67 -4.54 11.93
C PRO J 180 -18.34 -4.86 11.22
N LEU J 181 -18.37 -5.76 10.25
CA LEU J 181 -17.15 -6.13 9.52
C LEU J 181 -16.57 -4.91 8.83
N HIS J 182 -17.44 -4.10 8.25
CA HIS J 182 -16.99 -2.91 7.57
C HIS J 182 -16.37 -1.92 8.56
N ASN J 183 -16.95 -1.84 9.74
CA ASN J 183 -16.42 -0.93 10.73
C ASN J 183 -15.07 -1.42 11.21
N PHE J 184 -15.00 -2.73 11.48
CA PHE J 184 -13.76 -3.32 11.94
C PHE J 184 -12.60 -3.16 10.96
N LEU J 185 -12.84 -3.48 9.70
CA LEU J 185 -11.79 -3.39 8.70
C LEU J 185 -11.41 -1.95 8.38
N THR J 186 -12.32 -1.01 8.60
CA THR J 186 -12.01 0.39 8.34
C THR J 186 -10.97 0.84 9.37
N GLN J 187 -11.06 0.28 10.58
CA GLN J 187 -10.12 0.62 11.63
C GLN J 187 -8.80 -0.13 11.55
N LEU J 188 -8.85 -1.41 11.20
CA LEU J 188 -7.64 -2.23 11.12
C LEU J 188 -6.80 -1.97 9.88
N GLN J 189 -7.46 -1.72 8.77
CA GLN J 189 -6.82 -1.50 7.49
C GLN J 189 -5.54 -0.65 7.44
N PRO J 190 -5.52 0.49 8.14
CA PRO J 190 -4.29 1.31 8.10
C PRO J 190 -3.05 0.64 8.71
N PHE J 191 -3.27 -0.32 9.59
CA PHE J 191 -2.19 -1.02 10.27
C PHE J 191 -1.73 -2.30 9.59
N LEU J 192 -2.47 -2.76 8.59
CA LEU J 192 -2.07 -3.99 7.92
C LEU J 192 -1.01 -3.73 6.88
N ASN J 193 -0.21 -4.75 6.60
CA ASN J 193 0.81 -4.67 5.57
C ASN J 193 0.56 -5.76 4.53
N PHE J 194 0.65 -7.03 4.95
CA PHE J 194 0.43 -8.17 4.04
C PHE J 194 -0.98 -8.26 3.48
N LYS J 195 -1.98 -8.05 4.33
CA LYS J 195 -3.38 -8.18 3.91
C LYS J 195 -4.16 -6.88 3.76
N GLN J 196 -3.45 -5.78 3.55
CA GLN J 196 -4.09 -4.48 3.40
C GLN J 196 -4.92 -4.42 2.13
N LYS J 197 -4.40 -4.94 1.03
CA LYS J 197 -5.14 -4.92 -0.22
C LYS J 197 -6.42 -5.72 -0.13
N GLN J 198 -6.38 -6.91 0.46
CA GLN J 198 -7.62 -7.67 0.55
C GLN J 198 -8.62 -6.97 1.45
N ALA J 199 -8.14 -6.28 2.49
CA ALA J 199 -9.04 -5.58 3.40
C ALA J 199 -9.80 -4.47 2.67
N ASN J 200 -9.10 -3.71 1.83
CA ASN J 200 -9.73 -2.63 1.08
C ASN J 200 -10.70 -3.15 0.01
N LEU J 201 -10.38 -4.29 -0.61
CA LEU J 201 -11.29 -4.84 -1.61
C LEU J 201 -12.55 -5.32 -0.91
N VAL J 202 -12.41 -5.86 0.30
CA VAL J 202 -13.57 -6.32 1.03
C VAL J 202 -14.48 -5.12 1.37
N LEU J 203 -13.84 -4.00 1.74
CA LEU J 203 -14.56 -2.77 2.07
C LEU J 203 -15.31 -2.30 0.84
N LYS J 204 -14.66 -2.39 -0.32
CA LYS J 204 -15.31 -1.96 -1.55
C LYS J 204 -16.47 -2.88 -1.91
N ILE J 205 -16.30 -4.18 -1.71
CA ILE J 205 -17.38 -5.10 -2.04
C ILE J 205 -18.58 -4.81 -1.16
N ILE J 206 -18.34 -4.61 0.13
CA ILE J 206 -19.41 -4.33 1.07
C ILE J 206 -20.21 -3.10 0.65
N GLU J 207 -19.51 -2.05 0.28
CA GLU J 207 -20.16 -0.81 -0.12
C GLU J 207 -20.94 -0.95 -1.42
N GLN J 208 -20.59 -1.93 -2.25
CA GLN J 208 -21.29 -2.14 -3.53
C GLN J 208 -22.23 -3.33 -3.55
N LEU J 209 -22.34 -4.02 -2.42
CA LEU J 209 -23.21 -5.19 -2.35
C LEU J 209 -24.67 -4.92 -2.72
N PRO J 210 -25.29 -3.86 -2.16
CA PRO J 210 -26.69 -3.61 -2.52
C PRO J 210 -26.90 -3.33 -4.00
N SER J 211 -26.02 -2.52 -4.59
CA SER J 211 -26.11 -2.20 -6.00
C SER J 211 -25.81 -3.42 -6.87
N ALA J 212 -25.08 -4.38 -6.32
CA ALA J 212 -24.71 -5.58 -7.08
C ALA J 212 -25.91 -6.53 -7.19
N LYS J 213 -26.81 -6.46 -6.24
CA LYS J 213 -27.99 -7.33 -6.25
C LYS J 213 -29.05 -6.81 -7.20
N GLU J 214 -28.84 -5.61 -7.73
CA GLU J 214 -29.81 -5.00 -8.62
C GLU J 214 -29.56 -5.25 -10.10
N SER J 215 -28.42 -5.84 -10.42
CA SER J 215 -28.09 -6.05 -11.82
C SER J 215 -27.10 -7.19 -12.00
N PRO J 216 -27.29 -8.02 -13.05
CA PRO J 216 -26.40 -9.14 -13.33
C PRO J 216 -24.97 -8.67 -13.64
N ASP J 217 -24.85 -7.61 -14.42
CA ASP J 217 -23.53 -7.10 -14.77
C ASP J 217 -22.82 -6.50 -13.56
N LYS J 218 -23.54 -5.75 -12.73
CA LYS J 218 -22.89 -5.17 -11.56
C LYS J 218 -22.54 -6.28 -10.60
N PHE J 219 -23.38 -7.32 -10.56
CA PHE J 219 -23.13 -8.45 -9.68
C PHE J 219 -21.83 -9.16 -10.11
N LEU J 220 -21.67 -9.34 -11.42
CA LEU J 220 -20.48 -9.98 -11.96
C LEU J 220 -19.24 -9.11 -11.71
N GLU J 221 -19.38 -7.80 -11.86
CA GLU J 221 -18.23 -6.94 -11.62
C GLU J 221 -17.73 -7.14 -10.19
N VAL J 222 -18.66 -7.13 -9.24
CA VAL J 222 -18.30 -7.35 -7.85
C VAL J 222 -17.67 -8.72 -7.63
N CYS J 223 -18.12 -9.73 -8.40
CA CYS J 223 -17.56 -11.09 -8.27
C CYS J 223 -16.11 -11.05 -8.74
N THR J 224 -15.83 -10.08 -9.59
CA THR J 224 -14.49 -9.86 -10.13
C THR J 224 -13.56 -9.43 -8.98
N TRP J 225 -14.08 -8.61 -8.07
CA TRP J 225 -13.27 -8.16 -6.94
C TRP J 225 -13.05 -9.32 -5.97
N VAL J 226 -13.99 -10.25 -5.89
CA VAL J 226 -13.76 -11.38 -5.01
C VAL J 226 -12.68 -12.27 -5.65
N ASP J 227 -12.61 -12.30 -6.98
CA ASP J 227 -11.56 -13.07 -7.70
C ASP J 227 -10.19 -12.49 -7.28
N GLN J 228 -10.07 -11.16 -7.32
CA GLN J 228 -8.83 -10.45 -6.97
C GLN J 228 -8.34 -10.74 -5.56
N ILE J 229 -9.27 -10.85 -4.63
CA ILE J 229 -8.93 -11.14 -3.25
C ILE J 229 -8.34 -12.54 -3.14
N ALA J 230 -8.97 -13.50 -3.82
CA ALA J 230 -8.51 -14.88 -3.78
C ALA J 230 -7.12 -14.99 -4.43
N ALA J 231 -6.88 -14.18 -5.46
CA ALA J 231 -5.59 -14.18 -6.12
C ALA J 231 -4.51 -13.71 -5.14
N LEU J 232 -4.86 -12.78 -4.25
CA LEU J 232 -3.92 -12.25 -3.26
C LEU J 232 -3.67 -13.26 -2.12
N ASN J 233 -4.67 -14.06 -1.79
CA ASN J 233 -4.51 -15.05 -0.72
C ASN J 233 -3.78 -16.29 -1.26
N ASP J 234 -3.43 -17.22 -0.37
CA ASP J 234 -2.78 -18.46 -0.80
C ASP J 234 -3.92 -19.38 -1.22
N SER J 235 -4.58 -19.02 -2.34
CA SER J 235 -5.73 -19.78 -2.84
C SER J 235 -5.38 -21.11 -3.49
N LYS J 236 -5.91 -22.19 -2.92
CA LYS J 236 -5.65 -23.54 -3.41
C LYS J 236 -6.88 -24.39 -3.74
N THR J 237 -7.96 -24.24 -2.98
CA THR J 237 -9.16 -25.04 -3.20
C THR J 237 -10.40 -24.26 -3.66
N ARG J 238 -10.20 -23.16 -4.36
CA ARG J 238 -11.32 -22.35 -4.84
C ARG J 238 -12.09 -23.05 -5.96
N LYS J 239 -13.41 -22.87 -5.98
CA LYS J 239 -14.24 -23.51 -6.99
C LYS J 239 -15.15 -22.54 -7.75
N THR J 240 -15.90 -21.71 -7.04
CA THR J 240 -16.80 -20.79 -7.71
C THR J 240 -16.15 -19.43 -7.94
N THR J 241 -16.07 -19.03 -9.21
CA THR J 241 -15.46 -17.75 -9.59
C THR J 241 -16.48 -16.88 -10.32
N SER J 242 -16.05 -15.68 -10.69
CA SER J 242 -16.93 -14.76 -11.38
C SER J 242 -17.35 -15.35 -12.72
N GLU J 243 -16.46 -16.10 -13.36
CA GLU J 243 -16.77 -16.69 -14.66
C GLU J 243 -17.76 -17.85 -14.50
N THR J 244 -17.67 -18.56 -13.38
CA THR J 244 -18.58 -19.66 -13.09
C THR J 244 -20.00 -19.07 -12.94
N VAL J 245 -20.09 -17.89 -12.32
CA VAL J 245 -21.35 -17.23 -12.11
C VAL J 245 -21.89 -16.67 -13.43
N ARG J 246 -21.01 -16.15 -14.27
CA ARG J 246 -21.46 -15.61 -15.55
C ARG J 246 -22.18 -16.71 -16.33
N ALA J 247 -21.56 -17.89 -16.40
CA ALA J 247 -22.16 -18.99 -17.13
C ALA J 247 -23.57 -19.33 -16.64
N VAL J 248 -23.78 -19.28 -15.32
CA VAL J 248 -25.10 -19.58 -14.75
C VAL J 248 -26.11 -18.51 -15.17
N LEU J 249 -25.72 -17.25 -15.07
CA LEU J 249 -26.61 -16.15 -15.44
C LEU J 249 -26.90 -16.15 -16.94
N ASP J 250 -25.93 -16.57 -17.74
CA ASP J 250 -26.10 -16.60 -19.19
C ASP J 250 -27.21 -17.56 -19.59
N SER J 251 -27.19 -18.76 -19.00
CA SER J 251 -28.19 -19.77 -19.32
C SER J 251 -29.49 -19.51 -18.60
N LEU J 252 -29.61 -18.33 -18.03
CA LEU J 252 -30.80 -17.96 -17.29
C LEU J 252 -31.72 -17.10 -18.15
N VAL K 7 12.80 -5.34 -13.96
CA VAL K 7 13.89 -4.50 -14.51
C VAL K 7 13.38 -3.67 -15.69
N SER K 8 12.17 -3.97 -16.14
CA SER K 8 11.55 -3.26 -17.25
C SER K 8 10.72 -2.10 -16.72
N GLY K 9 9.91 -2.37 -15.69
CA GLY K 9 9.06 -1.35 -15.10
C GLY K 9 9.84 -0.42 -14.19
N ILE K 10 10.58 -1.01 -13.25
CA ILE K 10 11.37 -0.23 -12.30
C ILE K 10 12.37 0.68 -13.02
N SER K 11 12.69 0.36 -14.26
CA SER K 11 13.63 1.15 -15.03
C SER K 11 12.92 2.41 -15.56
N ALA K 12 11.80 2.20 -16.24
CA ALA K 12 11.04 3.31 -16.80
C ALA K 12 10.31 4.08 -15.70
N TYR K 13 10.01 3.41 -14.60
CA TYR K 13 9.31 4.02 -13.48
C TYR K 13 10.23 5.01 -12.77
N LEU K 14 11.53 4.83 -12.96
CA LEU K 14 12.52 5.70 -12.34
C LEU K 14 12.92 6.83 -13.28
N LEU K 15 12.93 6.54 -14.57
CA LEU K 15 13.28 7.55 -15.56
C LEU K 15 12.24 8.66 -15.53
N GLY K 16 11.03 8.31 -15.11
CA GLY K 16 9.95 9.28 -15.05
C GLY K 16 10.09 10.20 -13.85
N LEU K 17 10.73 9.71 -12.79
CA LEU K 17 10.94 10.51 -11.58
C LEU K 17 12.10 11.46 -11.81
N ILE K 18 13.02 11.04 -12.68
CA ILE K 18 14.19 11.84 -13.01
C ILE K 18 13.78 13.06 -13.85
N TRP K 19 13.08 12.80 -14.95
CA TRP K 19 12.62 13.88 -15.81
C TRP K 19 11.65 14.78 -15.06
N GLY K 20 10.93 14.19 -14.09
CA GLY K 20 9.97 14.94 -13.32
C GLY K 20 10.58 15.87 -12.27
N ASP K 21 11.13 15.28 -11.21
CA ASP K 21 11.73 16.05 -10.13
C ASP K 21 13.22 15.73 -9.98
N GLY K 22 13.96 15.75 -11.08
CA GLY K 22 15.37 15.46 -11.04
C GLY K 22 16.08 15.72 -12.36
N GLY K 23 16.99 14.80 -12.73
CA GLY K 23 17.71 14.95 -13.98
C GLY K 23 19.10 14.33 -13.93
N LEU K 24 19.73 14.19 -15.09
CA LEU K 24 21.06 13.61 -15.19
C LEU K 24 22.04 14.74 -15.48
N TYR K 25 23.19 14.73 -14.82
CA TYR K 25 24.18 15.78 -15.04
C TYR K 25 25.59 15.26 -15.32
N LYS K 26 26.30 15.97 -16.19
CA LYS K 26 27.65 15.64 -16.56
C LYS K 26 28.54 16.76 -16.05
N LEU K 27 28.68 16.83 -14.73
CA LEU K 27 29.49 17.87 -14.08
C LEU K 27 30.99 17.71 -14.35
N ASN K 32 41.63 18.55 -13.19
CA ASN K 32 40.96 17.78 -14.23
C ASN K 32 40.21 16.57 -13.64
N ARG K 33 38.95 16.77 -13.30
CA ARG K 33 38.10 15.73 -12.73
C ARG K 33 36.65 15.99 -13.13
N SER K 34 35.79 15.00 -12.90
CA SER K 34 34.37 15.15 -13.26
C SER K 34 33.50 14.12 -12.55
N GLU K 35 32.22 14.09 -12.92
CA GLU K 35 31.27 13.15 -12.33
C GLU K 35 29.97 13.10 -13.11
N TYR K 36 29.36 11.92 -13.13
CA TYR K 36 28.08 11.71 -13.82
C TYR K 36 27.07 11.33 -12.74
N ARG K 37 25.88 11.92 -12.79
CA ARG K 37 24.87 11.64 -11.78
C ARG K 37 23.45 11.43 -12.28
N VAL K 38 22.69 10.68 -11.49
CA VAL K 38 21.28 10.39 -11.76
C VAL K 38 20.56 10.88 -10.52
N VAL K 39 19.99 12.08 -10.61
CA VAL K 39 19.31 12.67 -9.46
C VAL K 39 17.79 12.72 -9.51
N ILE K 40 17.18 12.55 -8.33
CA ILE K 40 15.73 12.59 -8.15
C ILE K 40 15.47 13.34 -6.84
N THR K 41 15.06 14.60 -6.96
CA THR K 41 14.78 15.43 -5.80
C THR K 41 13.37 15.23 -5.25
N GLN K 42 13.25 15.27 -3.92
CA GLN K 42 11.97 15.10 -3.25
C GLN K 42 12.00 15.76 -1.88
N LYS K 43 10.87 16.35 -1.48
CA LYS K 43 10.78 17.02 -0.19
C LYS K 43 11.01 16.06 0.98
N SER K 44 10.13 15.08 1.12
CA SER K 44 10.24 14.09 2.19
C SER K 44 11.42 13.15 2.01
N GLU K 45 12.00 12.70 3.11
CA GLU K 45 13.13 11.77 3.08
C GLU K 45 12.63 10.34 3.12
N ASN K 46 11.53 10.12 3.84
CA ASN K 46 10.95 8.80 3.96
C ASN K 46 10.36 8.34 2.62
N LEU K 47 9.76 9.27 1.90
CA LEU K 47 9.16 8.96 0.60
C LEU K 47 10.23 8.40 -0.33
N ILE K 48 11.46 8.86 -0.14
CA ILE K 48 12.58 8.41 -0.95
C ILE K 48 13.02 7.02 -0.52
N LYS K 49 13.47 6.91 0.72
CA LYS K 49 13.95 5.65 1.28
C LYS K 49 12.91 4.52 1.25
N GLN K 50 11.64 4.87 1.31
CA GLN K 50 10.57 3.88 1.29
C GLN K 50 10.16 3.35 -0.09
N PHE K 51 10.30 4.17 -1.12
CA PHE K 51 9.92 3.75 -2.46
C PHE K 51 10.99 3.89 -3.54
N ILE K 52 11.58 5.07 -3.68
CA ILE K 52 12.58 5.31 -4.70
C ILE K 52 13.91 4.58 -4.46
N ALA K 53 14.44 4.68 -3.25
CA ALA K 53 15.72 4.06 -2.92
C ALA K 53 15.77 2.55 -3.15
N PRO K 54 14.77 1.82 -2.64
CA PRO K 54 14.72 0.37 -2.81
C PRO K 54 14.74 -0.12 -4.26
N ARG K 55 13.92 0.52 -5.10
CA ARG K 55 13.84 0.14 -6.51
C ARG K 55 15.12 0.46 -7.29
N MET K 56 15.66 1.66 -7.07
CA MET K 56 16.89 2.05 -7.75
C MET K 56 17.98 1.07 -7.36
N GLN K 57 17.76 0.40 -6.24
CA GLN K 57 18.71 -0.60 -5.74
C GLN K 57 18.59 -1.87 -6.57
N PHE K 58 17.39 -2.11 -7.08
CA PHE K 58 17.14 -3.29 -7.91
C PHE K 58 17.92 -3.14 -9.22
N LEU K 59 17.68 -2.05 -9.93
CA LEU K 59 18.35 -1.80 -11.20
C LEU K 59 19.87 -1.74 -10.99
N ILE K 60 20.31 -0.93 -10.05
CA ILE K 60 21.74 -0.79 -9.77
C ILE K 60 22.39 -2.15 -9.55
N ASP K 61 21.63 -3.08 -8.97
CA ASP K 61 22.13 -4.43 -8.70
C ASP K 61 22.13 -5.26 -9.98
N GLU K 62 21.01 -5.21 -10.70
CA GLU K 62 20.87 -5.97 -11.94
C GLU K 62 21.86 -5.47 -13.00
N LEU K 63 21.83 -4.17 -13.27
CA LEU K 63 22.73 -3.57 -14.26
C LEU K 63 24.18 -3.67 -13.80
N ASN K 64 24.38 -4.22 -12.61
CA ASN K 64 25.72 -4.37 -12.03
C ASN K 64 26.45 -3.03 -12.01
N VAL K 65 25.88 -2.05 -11.31
CA VAL K 65 26.48 -0.74 -11.19
C VAL K 65 27.14 -0.61 -9.83
N LYS K 66 28.47 -0.71 -9.83
CA LYS K 66 29.26 -0.63 -8.60
C LYS K 66 28.94 0.58 -7.70
N SER K 67 28.65 1.73 -8.32
CA SER K 67 28.34 2.94 -7.58
C SER K 67 27.28 2.67 -6.51
N LYS K 68 27.21 3.57 -5.53
CA LYS K 68 26.25 3.42 -4.43
C LYS K 68 25.22 4.56 -4.38
N ILE K 69 23.98 4.22 -4.04
CA ILE K 69 22.90 5.19 -3.94
C ILE K 69 23.10 6.07 -2.71
N GLN K 70 22.82 7.35 -2.87
CA GLN K 70 22.98 8.30 -1.77
C GLN K 70 21.70 9.09 -1.48
N ILE K 71 21.67 9.73 -0.31
CA ILE K 71 20.54 10.53 0.10
C ILE K 71 21.06 11.80 0.77
N VAL K 72 21.21 12.85 -0.02
CA VAL K 72 21.72 14.12 0.50
C VAL K 72 20.60 15.12 0.87
N LYS K 73 20.81 15.84 1.97
CA LYS K 73 19.86 16.84 2.44
C LYS K 73 20.29 18.21 1.92
N GLY K 74 19.34 18.95 1.36
CA GLY K 74 19.66 20.26 0.82
C GLY K 74 19.00 21.43 1.54
N ASP K 75 18.87 22.54 0.81
CA ASP K 75 18.26 23.75 1.35
C ASP K 75 16.75 23.64 1.51
N THR K 76 16.08 23.01 0.56
CA THR K 76 14.63 22.87 0.62
C THR K 76 14.09 21.49 0.28
N ARG K 77 14.97 20.52 0.07
CA ARG K 77 14.54 19.16 -0.28
C ARG K 77 15.64 18.11 -0.18
N TYR K 78 15.23 16.85 -0.28
CA TYR K 78 16.16 15.72 -0.24
C TYR K 78 16.39 15.27 -1.67
N GLU K 79 17.61 14.85 -1.98
CA GLU K 79 17.92 14.40 -3.33
C GLU K 79 18.64 13.06 -3.38
N LEU K 80 17.99 12.06 -3.98
CA LEU K 80 18.59 10.74 -4.12
C LEU K 80 19.58 10.90 -5.27
N ARG K 81 20.84 10.53 -5.02
CA ARG K 81 21.88 10.66 -6.04
C ARG K 81 22.71 9.41 -6.25
N VAL K 82 22.93 9.06 -7.51
CA VAL K 82 23.73 7.92 -7.88
C VAL K 82 24.81 8.37 -8.86
N SER K 83 26.05 8.45 -8.39
CA SER K 83 27.17 8.88 -9.22
C SER K 83 27.77 7.68 -9.94
N SER K 84 27.57 7.63 -11.26
CA SER K 84 28.09 6.54 -12.07
C SER K 84 27.89 6.80 -13.56
N LYS K 85 28.99 6.82 -14.31
CA LYS K 85 28.93 7.06 -15.75
C LYS K 85 28.10 5.97 -16.45
N LYS K 86 28.26 4.73 -16.00
CA LYS K 86 27.53 3.62 -16.59
C LYS K 86 26.02 3.82 -16.48
N LEU K 87 25.56 4.26 -15.32
CA LEU K 87 24.14 4.49 -15.09
C LEU K 87 23.67 5.76 -15.80
N TYR K 88 24.57 6.74 -15.90
CA TYR K 88 24.27 8.01 -16.55
C TYR K 88 23.63 7.83 -17.92
N TYR K 89 24.33 7.11 -18.80
CA TYR K 89 23.84 6.87 -20.16
C TYR K 89 22.75 5.79 -20.17
N TYR K 90 22.74 4.93 -19.17
CA TYR K 90 21.75 3.87 -19.09
C TYR K 90 20.35 4.52 -19.11
N PHE K 91 20.28 5.75 -18.62
CA PHE K 91 19.01 6.49 -18.58
C PHE K 91 18.98 7.54 -19.69
N ALA K 92 20.12 8.20 -19.89
CA ALA K 92 20.25 9.24 -20.91
C ALA K 92 19.82 8.73 -22.29
N ASN K 93 20.49 7.68 -22.77
CA ASN K 93 20.17 7.11 -24.07
C ASN K 93 18.75 6.55 -24.04
N MET K 94 18.39 5.95 -22.90
CA MET K 94 17.06 5.37 -22.74
C MET K 94 15.99 6.44 -22.94
N LEU K 95 16.33 7.68 -22.59
CA LEU K 95 15.40 8.80 -22.74
C LEU K 95 14.97 8.96 -24.19
N GLU K 96 15.87 8.61 -25.11
CA GLU K 96 15.58 8.72 -26.54
C GLU K 96 14.70 7.57 -27.03
N ARG K 97 14.83 6.41 -26.40
CA ARG K 97 14.03 5.25 -26.77
C ARG K 97 12.64 5.33 -26.15
N ILE K 98 12.39 6.40 -25.43
CA ILE K 98 11.10 6.61 -24.77
C ILE K 98 9.95 6.45 -25.75
N LEU K 100 9.55 4.63 -28.00
CA LEU K 100 9.32 3.24 -28.38
C LEU K 100 8.76 2.43 -27.21
N PHE K 101 8.42 3.12 -26.12
CA PHE K 101 7.87 2.47 -24.94
C PHE K 101 6.58 1.74 -25.27
N ASN K 102 6.60 0.42 -25.16
CA ASN K 102 5.44 -0.41 -25.45
C ASN K 102 4.29 -0.21 -24.46
N GLY K 103 3.80 -1.30 -23.87
CA GLY K 103 2.71 -1.22 -22.92
C GLY K 103 3.12 -0.63 -21.59
N ASN K 104 3.27 -1.49 -20.59
CA ASN K 104 3.66 -1.07 -19.25
C ASN K 104 4.88 -0.16 -19.27
N ARG K 105 5.73 -0.34 -20.27
CA ARG K 105 6.94 0.46 -20.42
C ARG K 105 6.59 1.94 -20.51
N PHE K 106 5.30 2.21 -20.70
CA PHE K 106 4.80 3.57 -20.81
C PHE K 106 4.03 3.95 -19.56
N LEU K 107 3.34 2.96 -18.98
CA LEU K 107 2.56 3.19 -17.76
C LEU K 107 3.50 3.43 -16.59
N ALA K 108 4.60 2.69 -16.55
CA ALA K 108 5.58 2.85 -15.49
C ALA K 108 6.23 4.22 -15.65
N TYR K 109 6.56 4.58 -16.88
CA TYR K 109 7.17 5.87 -17.18
C TYR K 109 6.19 6.98 -16.84
N LEU K 110 4.92 6.75 -17.18
CA LEU K 110 3.87 7.73 -16.91
C LEU K 110 3.73 7.91 -15.40
N ALA K 111 3.73 6.79 -14.68
CA ALA K 111 3.62 6.82 -13.23
C ALA K 111 4.72 7.68 -12.63
N GLY K 112 5.98 7.35 -12.96
CA GLY K 112 7.10 8.10 -12.46
C GLY K 112 6.97 9.59 -12.76
N ILE K 113 6.36 9.89 -13.90
CA ILE K 113 6.17 11.28 -14.31
C ILE K 113 5.11 11.94 -13.43
N VAL K 114 4.09 11.16 -13.06
CA VAL K 114 3.03 11.66 -12.20
C VAL K 114 3.52 11.90 -10.79
N ASP K 115 4.37 11.01 -10.29
CA ASP K 115 4.93 11.14 -8.95
C ASP K 115 5.87 12.34 -8.90
N GLY K 116 6.23 12.87 -10.08
CA GLY K 116 7.11 14.01 -10.15
C GLY K 116 6.37 15.32 -10.33
N ASP K 117 6.07 15.67 -11.58
CA ASP K 117 5.36 16.90 -11.90
C ASP K 117 3.86 16.66 -12.02
N GLY K 118 3.39 15.56 -11.43
CA GLY K 118 1.97 15.25 -11.49
C GLY K 118 1.14 16.07 -10.54
N SER K 119 -0.17 15.87 -10.55
CA SER K 119 -1.07 16.61 -9.67
C SER K 119 -2.46 15.98 -9.64
N ILE K 120 -2.63 14.96 -8.80
CA ILE K 120 -3.92 14.30 -8.66
C ILE K 120 -4.75 15.17 -7.70
N ILE K 121 -5.62 15.99 -8.27
CA ILE K 121 -6.45 16.90 -7.48
C ILE K 121 -7.93 16.57 -7.35
N ALA K 122 -8.49 16.93 -6.20
CA ALA K 122 -9.90 16.72 -5.88
C ALA K 122 -10.33 17.95 -5.10
N GLN K 123 -11.19 18.77 -5.71
CA GLN K 123 -11.65 19.99 -5.03
C GLN K 123 -13.15 20.26 -5.10
N ILE K 124 -13.68 20.88 -4.06
CA ILE K 124 -15.09 21.22 -3.98
C ILE K 124 -15.18 22.73 -4.17
N LYS K 125 -15.89 23.15 -5.21
CA LYS K 125 -16.03 24.57 -5.51
C LYS K 125 -17.45 25.08 -5.31
N PRO K 126 -17.60 26.24 -4.65
CA PRO K 126 -18.91 26.84 -4.39
C PRO K 126 -19.55 27.39 -5.67
N ASN K 127 -20.76 26.92 -5.96
CA ASN K 127 -21.50 27.35 -7.14
C ASN K 127 -22.98 27.23 -6.81
N GLN K 128 -23.66 28.37 -6.76
CA GLN K 128 -25.08 28.39 -6.43
C GLN K 128 -25.95 27.61 -7.41
N SER K 129 -25.42 27.36 -8.61
CA SER K 129 -26.16 26.62 -9.62
C SER K 129 -26.40 25.16 -9.24
N TYR K 130 -25.72 24.69 -8.20
CA TYR K 130 -25.86 23.31 -7.76
C TYR K 130 -26.81 23.17 -6.57
N LYS K 131 -27.52 22.06 -6.51
CA LYS K 131 -28.46 21.80 -5.43
C LYS K 131 -27.75 21.92 -4.09
N PHE K 132 -26.59 21.28 -3.99
CA PHE K 132 -25.81 21.29 -2.76
C PHE K 132 -24.86 22.49 -2.70
N LYS K 133 -25.15 23.51 -3.50
CA LYS K 133 -24.34 24.72 -3.54
C LYS K 133 -22.87 24.51 -3.89
N HIS K 134 -22.46 23.25 -4.02
CA HIS K 134 -21.07 22.94 -4.33
C HIS K 134 -20.94 21.96 -5.49
N GLN K 135 -19.94 22.19 -6.33
CA GLN K 135 -19.68 21.34 -7.49
C GLN K 135 -18.42 20.50 -7.27
N LEU K 136 -18.56 19.19 -7.39
CA LEU K 136 -17.42 18.30 -7.22
C LEU K 136 -16.61 18.37 -8.51
N SER K 137 -15.29 18.37 -8.38
CA SER K 137 -14.42 18.45 -9.55
C SER K 137 -13.13 17.66 -9.37
N LEU K 138 -12.87 16.74 -10.29
CA LEU K 138 -11.67 15.92 -10.26
C LEU K 138 -10.84 16.27 -11.48
N THR K 139 -9.51 16.26 -11.33
CA THR K 139 -8.65 16.60 -12.47
C THR K 139 -7.24 16.06 -12.35
N PHE K 140 -6.82 15.29 -13.36
CA PHE K 140 -5.48 14.72 -13.41
C PHE K 140 -4.62 15.81 -14.02
N GLN K 141 -3.46 16.08 -13.42
CA GLN K 141 -2.60 17.13 -13.95
C GLN K 141 -1.13 16.78 -14.07
N VAL K 142 -0.45 17.46 -14.98
CA VAL K 142 0.97 17.27 -15.22
C VAL K 142 1.56 18.60 -15.67
N THR K 143 2.00 19.41 -14.72
CA THR K 143 2.57 20.71 -15.01
C THR K 143 4.00 20.58 -15.55
N GLN K 144 4.39 21.52 -16.42
CA GLN K 144 5.72 21.52 -17.01
C GLN K 144 6.05 22.89 -17.60
N LYS K 145 7.34 23.21 -17.70
CA LYS K 145 7.78 24.48 -18.25
C LYS K 145 7.18 24.72 -19.63
N THR K 146 6.72 25.95 -19.86
CA THR K 146 6.12 26.31 -21.14
C THR K 146 7.04 25.92 -22.30
N GLU K 147 8.34 25.96 -22.07
CA GLU K 147 9.33 25.61 -23.09
C GLU K 147 9.30 24.10 -23.31
N ARG K 148 9.47 23.35 -22.23
CA ARG K 148 9.47 21.88 -22.30
C ARG K 148 8.05 21.36 -22.51
N ARG K 149 7.20 22.20 -23.10
CA ARG K 149 5.82 21.84 -23.36
C ARG K 149 5.76 20.67 -24.33
N TRP K 150 6.75 20.58 -25.20
CA TRP K 150 6.84 19.50 -26.18
C TRP K 150 7.01 18.16 -25.49
N PHE K 151 6.01 17.80 -24.69
CA PHE K 151 6.00 16.55 -23.94
C PHE K 151 4.56 16.25 -23.54
N LEU K 152 3.74 17.29 -23.52
CA LEU K 152 2.33 17.17 -23.16
C LEU K 152 1.45 17.79 -24.23
N LEU K 155 1.53 14.54 -25.38
CA LEU K 155 1.04 13.56 -24.43
C LEU K 155 -0.47 13.45 -24.50
N VAL K 156 -1.13 14.54 -24.91
CA VAL K 156 -2.58 14.56 -25.02
C VAL K 156 -3.00 13.52 -26.06
N ASP K 157 -2.09 13.21 -26.96
CA ASP K 157 -2.33 12.24 -28.03
C ASP K 157 -2.10 10.81 -27.51
N GLU K 158 -1.06 10.65 -26.69
CA GLU K 158 -0.73 9.34 -26.13
C GLU K 158 -1.84 8.82 -25.23
N ILE K 159 -2.21 9.60 -24.23
CA ILE K 159 -3.26 9.21 -23.29
C ILE K 159 -4.56 8.86 -24.00
N GLY K 160 -4.88 9.60 -25.05
CA GLY K 160 -6.10 9.34 -25.80
C GLY K 160 -7.15 10.41 -25.57
N VAL K 161 -7.34 10.77 -24.30
CA VAL K 161 -8.32 11.79 -23.93
C VAL K 161 -7.67 12.80 -22.99
N GLY K 162 -7.61 14.05 -23.43
CA GLY K 162 -7.01 15.08 -22.60
C GLY K 162 -6.99 16.44 -23.27
N TYR K 163 -6.33 17.39 -22.62
CA TYR K 163 -6.22 18.75 -23.14
C TYR K 163 -5.07 19.49 -22.47
N VAL K 164 -4.56 20.52 -23.13
CA VAL K 164 -3.47 21.30 -22.60
C VAL K 164 -3.91 22.76 -22.48
N ARG K 165 -3.09 23.58 -21.83
CA ARG K 165 -3.41 25.00 -21.66
C ARG K 165 -2.21 25.77 -21.12
N ASP K 166 -1.83 26.82 -21.82
CA ASP K 166 -0.70 27.66 -21.42
C ASP K 166 -1.09 28.66 -20.33
N ARG K 167 -0.13 29.00 -19.49
CA ARG K 167 -0.36 29.94 -18.40
C ARG K 167 0.96 30.61 -18.00
N VAL K 170 4.79 28.49 -17.64
CA VAL K 170 4.55 27.05 -17.59
C VAL K 170 3.25 26.68 -18.30
N SER K 171 2.91 25.40 -18.23
CA SER K 171 1.70 24.87 -18.85
C SER K 171 1.29 23.55 -18.20
N ASP K 172 0.04 23.14 -18.36
CA ASP K 172 -0.44 21.90 -17.76
C ASP K 172 -1.30 21.03 -18.68
N TYR K 173 -1.30 19.73 -18.41
CA TYR K 173 -2.09 18.77 -19.18
C TYR K 173 -3.27 18.47 -18.25
N ILE K 174 -4.48 18.74 -18.72
CA ILE K 174 -5.66 18.51 -17.89
C ILE K 174 -6.63 17.44 -18.41
N LEU K 175 -7.12 16.62 -17.48
CA LEU K 175 -8.07 15.55 -17.78
C LEU K 175 -9.11 15.52 -16.67
N SER K 176 -10.19 16.27 -16.85
CA SER K 176 -11.25 16.35 -15.85
C SER K 176 -12.47 15.49 -16.19
N GLU K 177 -12.45 14.86 -17.35
CA GLU K 177 -13.56 14.01 -17.77
C GLU K 177 -13.73 12.85 -16.80
N ILE K 178 -14.91 12.78 -16.18
CA ILE K 178 -15.23 11.74 -15.21
C ILE K 178 -14.92 10.33 -15.71
N LYS K 179 -15.84 9.77 -16.51
CA LYS K 179 -15.68 8.43 -17.05
C LYS K 179 -14.26 8.11 -17.51
N PRO K 180 -13.70 8.93 -18.41
CA PRO K 180 -12.34 8.66 -18.89
C PRO K 180 -11.33 8.52 -17.76
N LEU K 181 -11.37 9.48 -16.83
CA LEU K 181 -10.45 9.50 -15.68
C LEU K 181 -10.54 8.25 -14.80
N HIS K 182 -11.75 7.80 -14.50
CA HIS K 182 -11.94 6.63 -13.65
C HIS K 182 -11.29 5.38 -14.25
N ASN K 183 -11.32 5.30 -15.58
CA ASN K 183 -10.73 4.16 -16.28
C ASN K 183 -9.21 4.33 -16.36
N PHE K 184 -8.78 5.54 -16.69
CA PHE K 184 -7.35 5.85 -16.80
C PHE K 184 -6.63 5.74 -15.46
N LEU K 185 -7.31 6.12 -14.40
CA LEU K 185 -6.74 6.07 -13.05
C LEU K 185 -6.54 4.61 -12.65
N THR K 186 -7.48 3.76 -13.05
CA THR K 186 -7.41 2.33 -12.72
C THR K 186 -6.25 1.68 -13.46
N GLN K 187 -5.85 2.30 -14.58
CA GLN K 187 -4.76 1.77 -15.38
C GLN K 187 -3.41 2.36 -15.00
N LEU K 188 -3.42 3.34 -14.09
CA LEU K 188 -2.19 3.98 -13.66
C LEU K 188 -1.91 3.80 -12.17
N GLN K 189 -2.97 3.55 -11.41
CA GLN K 189 -2.87 3.37 -9.97
C GLN K 189 -1.85 2.31 -9.55
N PRO K 190 -1.86 1.16 -10.24
CA PRO K 190 -0.93 0.06 -9.92
C PRO K 190 0.55 0.40 -10.12
N PHE K 191 0.81 1.48 -10.87
CA PHE K 191 2.19 1.89 -11.14
C PHE K 191 2.66 3.07 -10.28
N LEU K 192 1.70 3.76 -9.65
CA LEU K 192 2.02 4.92 -8.82
C LEU K 192 2.68 4.52 -7.50
N ASN K 193 3.69 5.29 -7.09
CA ASN K 193 4.41 5.05 -5.86
C ASN K 193 4.02 6.10 -4.81
N PHE K 194 4.07 7.37 -5.20
CA PHE K 194 3.73 8.46 -4.30
C PHE K 194 2.25 8.79 -4.35
N LYS K 195 1.83 9.46 -5.41
CA LYS K 195 0.44 9.86 -5.59
C LYS K 195 -0.51 8.67 -5.80
N GLN K 196 -0.09 7.48 -5.38
CA GLN K 196 -0.89 6.28 -5.52
C GLN K 196 -2.08 6.34 -4.58
N LYS K 197 -1.84 6.84 -3.37
CA LYS K 197 -2.89 6.95 -2.35
C LYS K 197 -4.07 7.77 -2.85
N GLN K 198 -3.80 9.01 -3.27
CA GLN K 198 -4.85 9.90 -3.76
C GLN K 198 -5.46 9.38 -5.07
N ALA K 199 -4.80 8.41 -5.69
CA ALA K 199 -5.28 7.84 -6.95
C ALA K 199 -6.60 7.10 -6.73
N ASN K 200 -6.61 6.19 -5.78
CA ASN K 200 -7.80 5.41 -5.45
C ASN K 200 -8.90 6.31 -4.90
N LEU K 201 -8.49 7.32 -4.12
CA LEU K 201 -9.43 8.25 -3.51
C LEU K 201 -10.30 8.87 -4.58
N VAL K 202 -9.69 9.22 -5.71
CA VAL K 202 -10.42 9.81 -6.83
C VAL K 202 -11.36 8.79 -7.44
N LEU K 203 -10.93 7.53 -7.46
CA LEU K 203 -11.74 6.45 -8.01
C LEU K 203 -12.93 6.18 -7.10
N LYS K 204 -12.69 6.22 -5.79
CA LYS K 204 -13.75 5.98 -4.81
C LYS K 204 -14.84 7.03 -5.00
N ILE K 205 -14.44 8.30 -4.99
CA ILE K 205 -15.37 9.41 -5.15
C ILE K 205 -16.10 9.26 -6.49
N ILE K 206 -15.32 9.02 -7.54
CA ILE K 206 -15.87 8.86 -8.89
C ILE K 206 -16.83 7.67 -8.99
N GLU K 207 -16.62 6.67 -8.13
CA GLU K 207 -17.46 5.47 -8.13
C GLU K 207 -18.60 5.60 -7.13
N LEU K 209 -20.21 9.13 -6.66
CA LEU K 209 -20.69 10.48 -6.96
C LEU K 209 -22.21 10.49 -7.21
N PRO K 210 -22.68 9.64 -8.14
CA PRO K 210 -24.12 9.61 -8.42
C PRO K 210 -24.95 9.27 -7.17
N SER K 211 -24.32 8.56 -6.23
CA SER K 211 -25.00 8.17 -4.99
C SER K 211 -24.85 9.28 -3.95
N ALA K 212 -23.93 10.20 -4.22
CA ALA K 212 -23.70 11.32 -3.32
C ALA K 212 -24.62 12.46 -3.70
N LYS K 213 -24.77 12.70 -5.00
CA LYS K 213 -25.63 13.76 -5.51
C LYS K 213 -27.06 13.54 -5.08
N SER K 215 -28.20 12.65 -1.98
CA SER K 215 -28.34 12.73 -0.53
C SER K 215 -27.34 13.70 0.08
N PRO K 216 -27.80 14.52 1.04
CA PRO K 216 -26.97 15.50 1.72
C PRO K 216 -25.79 14.89 2.48
N ASP K 217 -26.06 13.80 3.21
CA ASP K 217 -25.02 13.13 3.99
C ASP K 217 -24.00 12.43 3.08
N LYS K 218 -24.49 11.72 2.08
CA LYS K 218 -23.61 11.01 1.15
C LYS K 218 -22.66 11.98 0.49
N PHE K 219 -23.15 13.17 0.15
CA PHE K 219 -22.33 14.19 -0.47
C PHE K 219 -21.25 14.65 0.50
N LEU K 220 -21.59 14.70 1.78
CA LEU K 220 -20.65 15.10 2.81
C LEU K 220 -19.56 14.06 2.95
N GLU K 221 -19.97 12.80 3.02
CA GLU K 221 -19.03 11.69 3.15
C GLU K 221 -18.00 11.77 2.03
N VAL K 222 -18.49 11.88 0.79
CA VAL K 222 -17.61 11.97 -0.37
C VAL K 222 -16.70 13.19 -0.20
N CYS K 223 -17.27 14.28 0.29
CA CYS K 223 -16.50 15.50 0.52
C CYS K 223 -15.40 15.21 1.54
N THR K 224 -15.70 14.33 2.48
CA THR K 224 -14.74 13.95 3.51
C THR K 224 -13.54 13.27 2.85
N TRP K 225 -13.79 12.58 1.75
CA TRP K 225 -12.72 11.88 1.02
C TRP K 225 -11.91 12.89 0.20
N VAL K 226 -12.57 13.93 -0.29
CA VAL K 226 -11.90 14.94 -1.08
C VAL K 226 -10.84 15.61 -0.20
N ASP K 227 -11.12 15.65 1.10
CA ASP K 227 -10.21 16.25 2.07
C ASP K 227 -8.96 15.39 2.25
N GLN K 228 -9.17 14.08 2.44
CA GLN K 228 -8.06 13.15 2.61
C GLN K 228 -7.10 13.22 1.42
N ILE K 229 -7.65 13.26 0.22
CA ILE K 229 -6.83 13.32 -0.99
C ILE K 229 -6.11 14.66 -1.04
N ALA K 230 -6.83 15.73 -0.66
CA ALA K 230 -6.28 17.08 -0.65
C ALA K 230 -5.30 17.26 0.52
N ALA K 231 -5.43 16.39 1.52
CA ALA K 231 -4.56 16.44 2.69
C ALA K 231 -3.26 15.72 2.39
N LEU K 232 -3.34 14.63 1.63
CA LEU K 232 -2.17 13.85 1.26
C LEU K 232 -1.28 14.65 0.30
N ASN K 233 -1.86 15.66 -0.33
CA ASN K 233 -1.13 16.52 -1.26
C ASN K 233 -0.48 17.67 -0.49
N ASP K 234 0.50 18.32 -1.10
CA ASP K 234 1.19 19.44 -0.47
C ASP K 234 0.28 20.66 -0.44
N SER K 235 -0.97 20.45 -0.02
CA SER K 235 -1.97 21.52 0.06
C SER K 235 -1.53 22.72 0.88
N LYS K 236 -1.97 23.91 0.46
CA LYS K 236 -1.64 25.15 1.14
C LYS K 236 -2.71 26.22 0.91
N THR K 237 -3.21 26.30 -0.33
CA THR K 237 -4.23 27.28 -0.68
C THR K 237 -5.66 26.71 -0.61
N ARG K 238 -5.85 25.65 0.17
CA ARG K 238 -7.17 25.05 0.32
C ARG K 238 -8.11 26.03 1.00
N LYS K 239 -9.41 25.84 0.84
CA LYS K 239 -10.37 26.75 1.45
C LYS K 239 -11.76 26.12 1.67
N THR K 240 -12.38 25.67 0.59
CA THR K 240 -13.70 25.06 0.66
C THR K 240 -13.68 23.62 1.19
N THR K 241 -13.39 23.48 2.48
CA THR K 241 -13.33 22.16 3.13
C THR K 241 -14.70 21.47 3.19
N SER K 242 -14.68 20.20 3.58
CA SER K 242 -15.92 19.41 3.67
C SER K 242 -16.91 19.99 4.67
N GLU K 243 -16.42 20.40 5.84
CA GLU K 243 -17.27 20.97 6.85
C GLU K 243 -17.81 22.33 6.41
N THR K 244 -17.03 22.94 5.53
CA THR K 244 -17.41 24.17 4.90
C THR K 244 -18.70 23.92 4.06
N VAL K 245 -18.89 22.70 3.44
CA VAL K 245 -20.07 22.29 2.63
C VAL K 245 -21.26 21.95 3.54
N ARG K 246 -20.95 21.45 4.75
CA ARG K 246 -21.95 21.13 5.76
C ARG K 246 -22.67 22.38 6.25
N ALA K 247 -21.90 23.42 6.57
CA ALA K 247 -22.46 24.67 7.06
C ALA K 247 -23.58 25.17 6.15
N VAL K 248 -23.28 25.26 4.85
CA VAL K 248 -24.26 25.72 3.87
C VAL K 248 -25.45 24.78 3.85
N LEU K 249 -25.19 23.49 4.03
CA LEU K 249 -26.24 22.48 4.04
C LEU K 249 -27.26 22.82 5.13
N ASP K 250 -26.81 22.81 6.38
CA ASP K 250 -27.67 23.12 7.52
C ASP K 250 -28.38 24.45 7.32
N ASN L 6 -49.96 37.91 -25.35
CA ASN L 6 -49.96 37.72 -23.88
C ASN L 6 -49.38 36.36 -23.49
N VAL L 7 -48.43 36.35 -22.56
CA VAL L 7 -47.80 35.12 -22.13
C VAL L 7 -48.78 34.31 -21.29
N SER L 8 -49.96 34.88 -21.05
CA SER L 8 -50.99 34.21 -20.27
C SER L 8 -51.90 33.40 -21.19
N GLY L 9 -52.27 33.99 -22.32
CA GLY L 9 -53.13 33.30 -23.26
C GLY L 9 -52.45 32.13 -23.94
N ILE L 10 -51.14 32.22 -24.10
CA ILE L 10 -50.36 31.16 -24.73
C ILE L 10 -50.15 30.01 -23.76
N SER L 11 -49.74 30.33 -22.53
CA SER L 11 -49.50 29.32 -21.51
C SER L 11 -50.74 28.48 -21.24
N ALA L 12 -51.92 29.04 -21.53
CA ALA L 12 -53.18 28.35 -21.31
C ALA L 12 -53.48 27.39 -22.46
N TYR L 13 -53.16 27.83 -23.68
CA TYR L 13 -53.39 27.03 -24.87
C TYR L 13 -52.44 25.84 -24.93
N LEU L 14 -51.13 26.12 -24.92
CA LEU L 14 -50.11 25.09 -24.99
C LEU L 14 -50.31 24.01 -23.91
N LEU L 15 -50.83 24.40 -22.76
CA LEU L 15 -51.07 23.46 -21.68
C LEU L 15 -52.19 22.51 -22.09
N GLY L 16 -53.15 23.04 -22.85
CA GLY L 16 -54.27 22.24 -23.31
C GLY L 16 -53.91 21.47 -24.57
N LEU L 17 -53.03 22.05 -25.38
CA LEU L 17 -52.58 21.43 -26.62
C LEU L 17 -51.55 20.35 -26.29
N ILE L 18 -51.14 20.31 -25.03
CA ILE L 18 -50.18 19.34 -24.56
C ILE L 18 -50.91 18.25 -23.78
N TRP L 19 -52.18 18.48 -23.48
CA TRP L 19 -52.98 17.52 -22.74
C TRP L 19 -53.86 16.73 -23.72
N GLY L 20 -54.03 17.28 -24.91
CA GLY L 20 -54.84 16.62 -25.92
C GLY L 20 -54.04 15.65 -26.77
N ASP L 21 -52.95 16.16 -27.34
CA ASP L 21 -52.07 15.36 -28.19
C ASP L 21 -50.64 15.33 -27.69
N GLY L 22 -50.46 15.56 -26.39
CA GLY L 22 -49.12 15.56 -25.83
C GLY L 22 -49.06 15.06 -24.40
N GLY L 23 -48.20 15.67 -23.59
CA GLY L 23 -48.07 15.28 -22.20
C GLY L 23 -46.74 15.67 -21.60
N LEU L 24 -46.62 15.53 -20.28
CA LEU L 24 -45.40 15.85 -19.56
C LEU L 24 -44.83 14.58 -18.96
N TYR L 25 -43.56 14.30 -19.22
CA TYR L 25 -42.94 13.08 -18.70
C TYR L 25 -41.67 13.30 -17.87
N LYS L 26 -41.63 12.62 -16.73
CA LYS L 26 -40.49 12.69 -15.83
C LYS L 26 -39.72 11.40 -16.05
N LEU L 27 -38.86 11.41 -17.07
CA LEU L 27 -38.07 10.24 -17.42
C LEU L 27 -36.78 10.08 -16.61
N LYS L 28 -36.48 8.85 -16.22
CA LYS L 28 -35.29 8.52 -15.45
C LYS L 28 -34.46 7.52 -16.23
N TYR L 29 -33.37 8.00 -16.83
CA TYR L 29 -32.49 7.15 -17.63
C TYR L 29 -31.44 6.42 -16.78
N ASN L 32 -26.55 6.83 -14.02
CA ASN L 32 -27.70 7.43 -13.36
C ASN L 32 -27.96 8.84 -13.87
N ARG L 33 -28.92 8.97 -14.78
CA ARG L 33 -29.26 10.26 -15.37
C ARG L 33 -30.77 10.54 -15.26
N SER L 34 -31.26 11.50 -16.04
CA SER L 34 -32.67 11.85 -16.02
C SER L 34 -33.01 12.81 -17.16
N GLU L 35 -34.29 13.16 -17.29
CA GLU L 35 -34.75 14.07 -18.33
C GLU L 35 -36.22 14.46 -18.16
N TYR L 36 -36.52 15.73 -18.43
CA TYR L 36 -37.87 16.25 -18.31
C TYR L 36 -38.28 16.81 -19.68
N ARG L 37 -39.40 16.33 -20.21
CA ARG L 37 -39.85 16.80 -21.52
C ARG L 37 -41.35 17.02 -21.63
N VAL L 38 -41.72 17.98 -22.48
CA VAL L 38 -43.12 18.32 -22.72
C VAL L 38 -43.40 18.07 -24.19
N VAL L 39 -44.07 16.95 -24.48
CA VAL L 39 -44.40 16.59 -25.86
C VAL L 39 -45.55 17.42 -26.43
N THR L 41 -47.77 16.29 -29.66
CA THR L 41 -47.46 15.74 -30.97
C THR L 41 -48.57 16.02 -31.97
N GLN L 42 -48.22 15.95 -33.25
CA GLN L 42 -49.17 16.16 -34.34
C GLN L 42 -48.66 15.45 -35.58
N LYS L 43 -49.57 14.86 -36.35
CA LYS L 43 -49.19 14.14 -37.55
C LYS L 43 -48.46 15.09 -38.49
N SER L 44 -49.19 16.07 -39.03
CA SER L 44 -48.63 17.05 -39.94
C SER L 44 -47.46 17.81 -39.34
N GLU L 45 -46.37 17.91 -40.09
CA GLU L 45 -45.18 18.62 -39.63
C GLU L 45 -45.30 20.08 -40.01
N ASN L 46 -46.13 20.36 -41.00
CA ASN L 46 -46.35 21.74 -41.47
C ASN L 46 -47.26 22.48 -40.50
N LEU L 47 -48.17 21.74 -39.86
CA LEU L 47 -49.11 22.32 -38.91
C LEU L 47 -48.39 22.79 -37.64
N ILE L 48 -47.37 22.04 -37.24
CA ILE L 48 -46.59 22.37 -36.04
C ILE L 48 -45.59 23.48 -36.35
N LYS L 49 -44.97 23.40 -37.53
CA LYS L 49 -43.99 24.38 -37.95
C LYS L 49 -44.52 25.81 -38.03
N GLN L 50 -45.84 25.97 -38.04
CA GLN L 50 -46.43 27.30 -38.13
C GLN L 50 -47.30 27.71 -36.95
N PHE L 51 -47.74 26.75 -36.15
CA PHE L 51 -48.60 27.08 -35.01
C PHE L 51 -48.03 26.62 -33.67
N ILE L 52 -48.05 25.30 -33.45
CA ILE L 52 -47.56 24.73 -32.21
C ILE L 52 -46.10 25.02 -31.88
N ALA L 53 -45.32 25.47 -32.86
CA ALA L 53 -43.91 25.76 -32.63
C ALA L 53 -43.61 27.18 -32.20
N PRO L 54 -44.04 28.16 -33.00
CA PRO L 54 -43.79 29.58 -32.68
C PRO L 54 -44.23 29.97 -31.27
N ARG L 55 -45.48 29.66 -30.93
CA ARG L 55 -46.03 29.99 -29.62
C ARG L 55 -45.19 29.45 -28.47
N MET L 56 -44.67 28.24 -28.62
CA MET L 56 -43.83 27.63 -27.58
C MET L 56 -42.52 28.41 -27.47
N GLN L 57 -42.06 28.94 -28.61
CA GLN L 57 -40.83 29.72 -28.65
C GLN L 57 -41.03 31.01 -27.88
N PHE L 58 -42.28 31.47 -27.83
CA PHE L 58 -42.63 32.70 -27.12
C PHE L 58 -42.61 32.43 -25.62
N LEU L 59 -43.39 31.44 -25.19
CA LEU L 59 -43.47 31.07 -23.78
C LEU L 59 -42.12 30.63 -23.27
N ILE L 60 -41.24 30.22 -24.20
CA ILE L 60 -39.91 29.77 -23.84
C ILE L 60 -39.01 30.94 -23.45
N ASP L 61 -39.08 32.01 -24.21
CA ASP L 61 -38.27 33.21 -23.95
C ASP L 61 -38.77 33.98 -22.72
N GLU L 62 -40.08 34.23 -22.67
CA GLU L 62 -40.69 34.94 -21.56
C GLU L 62 -40.34 34.26 -20.24
N LEU L 63 -40.65 32.96 -20.15
CA LEU L 63 -40.37 32.20 -18.94
C LEU L 63 -38.86 32.02 -18.82
N ASN L 64 -38.15 32.48 -19.84
CA ASN L 64 -36.69 32.37 -19.87
C ASN L 64 -36.25 30.92 -19.78
N VAL L 65 -36.70 30.11 -20.72
CA VAL L 65 -36.38 28.70 -20.76
C VAL L 65 -35.11 28.44 -21.59
N SER L 67 -32.83 25.20 -22.71
CA SER L 67 -33.56 24.16 -23.41
C SER L 67 -34.04 24.65 -24.77
N LYS L 68 -33.72 23.90 -25.82
CA LYS L 68 -34.12 24.27 -27.18
C LYS L 68 -35.34 23.48 -27.65
N ILE L 69 -36.20 24.13 -28.43
CA ILE L 69 -37.40 23.47 -28.94
C ILE L 69 -36.98 22.38 -29.92
N GLN L 70 -37.65 21.24 -29.86
CA GLN L 70 -37.31 20.13 -30.75
C GLN L 70 -38.49 19.60 -31.58
N ILE L 71 -38.15 19.06 -32.75
CA ILE L 71 -39.14 18.50 -33.66
C ILE L 71 -38.66 17.12 -34.09
N VAL L 72 -39.26 16.08 -33.51
CA VAL L 72 -38.89 14.71 -33.82
C VAL L 72 -39.78 14.09 -34.90
N LYS L 73 -39.22 13.15 -35.67
CA LYS L 73 -39.94 12.48 -36.74
C LYS L 73 -40.25 11.05 -36.35
N ASP L 75 -42.70 7.51 -35.79
CA ASP L 75 -43.36 6.48 -36.58
C ASP L 75 -44.68 6.97 -37.16
N THR L 76 -45.72 6.99 -36.34
CA THR L 76 -47.03 7.41 -36.77
C THR L 76 -47.31 8.92 -36.65
N ARG L 77 -46.31 9.69 -36.23
CA ARG L 77 -46.49 11.14 -36.09
C ARG L 77 -45.24 11.93 -35.75
N TYR L 78 -45.34 13.25 -35.88
CA TYR L 78 -44.23 14.15 -35.58
C TYR L 78 -44.39 14.58 -34.13
N GLU L 79 -43.28 14.94 -33.49
CA GLU L 79 -43.33 15.34 -32.09
C GLU L 79 -42.57 16.63 -31.76
N LEU L 80 -43.20 17.49 -30.96
CA LEU L 80 -42.58 18.73 -30.52
C LEU L 80 -42.19 18.49 -29.08
N ARG L 81 -40.88 18.54 -28.80
CA ARG L 81 -40.40 18.28 -27.44
C ARG L 81 -39.56 19.42 -26.85
N VAL L 82 -39.69 19.60 -25.54
CA VAL L 82 -38.95 20.62 -24.82
C VAL L 82 -38.27 19.99 -23.61
N SER L 83 -36.95 19.89 -23.66
CA SER L 83 -36.18 19.29 -22.57
C SER L 83 -35.75 20.33 -21.54
N SER L 84 -36.57 20.50 -20.51
CA SER L 84 -36.29 21.47 -19.44
C SER L 84 -37.09 21.19 -18.18
N LYS L 85 -36.40 20.93 -17.08
CA LYS L 85 -37.05 20.65 -15.80
C LYS L 85 -37.94 21.82 -15.40
N LYS L 86 -37.52 23.03 -15.74
CA LYS L 86 -38.27 24.23 -15.41
C LYS L 86 -39.64 24.20 -16.08
N LEU L 87 -39.64 23.95 -17.39
CA LEU L 87 -40.88 23.88 -18.16
C LEU L 87 -41.74 22.70 -17.75
N TYR L 88 -41.10 21.61 -17.33
CA TYR L 88 -41.83 20.42 -16.90
C TYR L 88 -42.76 20.76 -15.75
N TYR L 89 -42.18 21.09 -14.60
CA TYR L 89 -42.95 21.44 -13.41
C TYR L 89 -43.87 22.65 -13.63
N TYR L 90 -43.42 23.59 -14.46
CA TYR L 90 -44.22 24.78 -14.75
C TYR L 90 -45.63 24.36 -15.18
N PHE L 91 -45.72 23.62 -16.28
CA PHE L 91 -47.01 23.17 -16.78
C PHE L 91 -47.63 22.16 -15.81
N ALA L 92 -46.77 21.41 -15.12
CA ALA L 92 -47.23 20.42 -14.17
C ALA L 92 -48.08 21.08 -13.08
N ASN L 93 -47.49 22.05 -12.39
CA ASN L 93 -48.20 22.75 -11.32
C ASN L 93 -49.35 23.60 -11.89
N MET L 94 -49.17 24.08 -13.12
CA MET L 94 -50.18 24.91 -13.77
C MET L 94 -51.49 24.13 -13.91
N LEU L 95 -51.39 22.81 -13.98
CA LEU L 95 -52.56 21.96 -14.11
C LEU L 95 -53.52 22.19 -12.96
N GLU L 96 -52.99 22.35 -11.75
CA GLU L 96 -53.80 22.58 -10.57
C GLU L 96 -54.47 23.96 -10.61
N ARG L 97 -53.88 24.90 -11.34
CA ARG L 97 -54.43 26.24 -11.45
C ARG L 97 -55.47 26.34 -12.57
N ILE L 98 -55.48 25.35 -13.46
CA ILE L 98 -56.41 25.35 -14.58
C ILE L 98 -57.84 25.52 -14.08
N ARG L 99 -58.12 24.96 -12.90
CA ARG L 99 -59.44 25.05 -12.30
C ARG L 99 -59.80 26.49 -11.97
N LEU L 100 -58.78 27.34 -11.84
CA LEU L 100 -59.00 28.74 -11.51
C LEU L 100 -59.07 29.64 -12.75
N PHE L 101 -58.77 29.08 -13.92
CA PHE L 101 -58.80 29.84 -15.16
C PHE L 101 -60.17 30.48 -15.38
N ASN L 102 -60.18 31.80 -15.52
CA ASN L 102 -61.42 32.54 -15.73
C ASN L 102 -61.33 33.41 -16.97
N GLY L 103 -62.48 33.67 -17.58
CA GLY L 103 -62.52 34.51 -18.77
C GLY L 103 -61.93 33.88 -20.02
N ASN L 104 -61.18 34.67 -20.77
CA ASN L 104 -60.55 34.22 -22.00
C ASN L 104 -59.46 33.18 -21.77
N ARG L 105 -58.94 33.10 -20.55
CA ARG L 105 -57.89 32.14 -20.23
C ARG L 105 -58.42 30.72 -20.40
N PHE L 106 -59.69 30.52 -20.06
CA PHE L 106 -60.32 29.22 -20.18
C PHE L 106 -60.58 28.87 -21.64
N LEU L 107 -60.97 29.87 -22.42
CA LEU L 107 -61.23 29.67 -23.84
C LEU L 107 -59.96 29.24 -24.56
N ALA L 108 -58.85 29.92 -24.26
CA ALA L 108 -57.57 29.60 -24.87
C ALA L 108 -57.12 28.20 -24.46
N TYR L 109 -57.54 27.79 -23.27
CA TYR L 109 -57.20 26.46 -22.75
C TYR L 109 -58.07 25.42 -23.44
N LEU L 110 -59.34 25.78 -23.64
CA LEU L 110 -60.30 24.90 -24.29
C LEU L 110 -59.94 24.76 -25.76
N ALA L 111 -59.25 25.77 -26.28
CA ALA L 111 -58.82 25.77 -27.66
C ALA L 111 -57.73 24.71 -27.83
N GLY L 112 -56.85 24.61 -26.84
CA GLY L 112 -55.79 23.62 -26.90
C GLY L 112 -56.37 22.22 -26.86
N ILE L 113 -57.35 22.03 -25.99
CA ILE L 113 -58.01 20.74 -25.85
C ILE L 113 -58.88 20.48 -27.07
N VAL L 114 -59.23 21.54 -27.78
CA VAL L 114 -60.07 21.43 -28.97
C VAL L 114 -59.23 21.04 -30.19
N ASP L 115 -58.17 21.80 -30.46
CA ASP L 115 -57.29 21.52 -31.59
C ASP L 115 -56.67 20.13 -31.40
N GLY L 116 -56.76 19.61 -30.18
CA GLY L 116 -56.19 18.31 -29.89
C GLY L 116 -57.18 17.19 -30.14
N ASP L 117 -57.97 16.86 -29.12
CA ASP L 117 -58.96 15.79 -29.22
C ASP L 117 -60.37 16.31 -29.56
N GLY L 118 -60.42 17.44 -30.26
CA GLY L 118 -61.70 18.01 -30.62
C GLY L 118 -62.17 17.55 -31.98
N SER L 119 -63.39 17.93 -32.35
CA SER L 119 -63.94 17.54 -33.65
C SER L 119 -65.11 18.42 -34.09
N ILE L 120 -64.90 19.17 -35.18
CA ILE L 120 -65.91 20.03 -35.74
C ILE L 120 -66.47 19.29 -36.95
N ILE L 121 -67.41 18.40 -36.68
CA ILE L 121 -68.01 17.58 -37.73
C ILE L 121 -69.29 18.15 -38.38
N ALA L 122 -69.32 18.10 -39.71
CA ALA L 122 -70.44 18.57 -40.51
C ALA L 122 -70.95 17.35 -41.28
N GLN L 123 -72.26 17.14 -41.28
CA GLN L 123 -72.82 15.98 -41.99
C GLN L 123 -74.14 16.25 -42.70
N ILE L 124 -74.42 15.41 -43.71
CA ILE L 124 -75.64 15.52 -44.50
C ILE L 124 -76.39 14.19 -44.43
N LYS L 125 -76.78 13.81 -43.22
CA LYS L 125 -77.49 12.56 -42.98
C LYS L 125 -78.79 12.42 -43.78
N PRO L 126 -78.84 11.43 -44.68
CA PRO L 126 -80.03 11.19 -45.50
C PRO L 126 -81.20 10.72 -44.63
N ASN L 127 -82.36 11.34 -44.83
CA ASN L 127 -83.55 10.99 -44.08
C ASN L 127 -84.80 11.12 -44.95
N GLN L 128 -85.53 10.01 -45.11
CA GLN L 128 -86.72 10.00 -45.94
C GLN L 128 -87.89 10.81 -45.36
N SER L 129 -87.59 11.63 -44.36
CA SER L 129 -88.63 12.45 -43.74
C SER L 129 -88.41 13.96 -43.92
N TYR L 130 -87.48 14.33 -44.80
CA TYR L 130 -87.21 15.74 -45.06
C TYR L 130 -87.55 16.12 -46.50
N LYS L 131 -87.93 17.37 -46.71
CA LYS L 131 -88.28 17.85 -48.03
C LYS L 131 -87.13 17.62 -49.01
N PHE L 132 -85.90 17.76 -48.52
CA PHE L 132 -84.73 17.56 -49.34
C PHE L 132 -84.09 16.20 -49.06
N LYS L 133 -84.89 15.28 -48.54
CA LYS L 133 -84.46 13.93 -48.22
C LYS L 133 -83.17 13.84 -47.40
N HIS L 134 -82.71 14.97 -46.89
CA HIS L 134 -81.49 14.99 -46.09
C HIS L 134 -81.60 15.90 -44.87
N GLN L 135 -80.79 15.61 -43.86
CA GLN L 135 -80.77 16.40 -42.63
C GLN L 135 -79.36 16.89 -42.32
N LEU L 136 -79.20 18.21 -42.27
CA LEU L 136 -77.91 18.81 -41.97
C LEU L 136 -77.59 18.63 -40.49
N SER L 137 -76.33 18.36 -40.18
CA SER L 137 -75.92 18.16 -38.79
C SER L 137 -74.57 18.79 -38.45
N LEU L 138 -74.59 19.79 -37.57
CA LEU L 138 -73.39 20.47 -37.14
C LEU L 138 -73.16 20.04 -35.69
N THR L 139 -71.97 19.54 -35.39
CA THR L 139 -71.69 19.09 -34.03
C THR L 139 -70.26 19.29 -33.54
N PHE L 140 -70.14 19.74 -32.29
CA PHE L 140 -68.85 19.97 -31.64
C PHE L 140 -68.63 18.84 -30.65
N GLN L 141 -67.43 18.27 -30.66
CA GLN L 141 -67.14 17.16 -29.74
C GLN L 141 -65.70 17.10 -29.23
N VAL L 142 -65.53 16.45 -28.08
CA VAL L 142 -64.23 16.29 -27.44
C VAL L 142 -64.24 14.89 -26.82
N THR L 143 -63.35 14.03 -27.31
CA THR L 143 -63.27 12.66 -26.81
C THR L 143 -62.16 12.46 -25.79
N GLN L 144 -62.43 11.63 -24.79
CA GLN L 144 -61.47 11.34 -23.73
C GLN L 144 -61.66 9.93 -23.16
N LYS L 145 -60.56 9.31 -22.77
CA LYS L 145 -60.59 7.96 -22.20
C LYS L 145 -61.42 7.93 -20.92
N ARG L 148 -61.34 8.33 -18.04
CA ARG L 148 -60.90 9.65 -17.59
C ARG L 148 -61.91 10.73 -17.99
N ARG L 149 -63.16 10.56 -17.55
CA ARG L 149 -64.22 11.52 -17.84
C ARG L 149 -64.14 12.64 -16.82
N TRP L 150 -62.92 12.95 -16.39
CA TRP L 150 -62.68 14.00 -15.41
C TRP L 150 -62.76 15.38 -16.07
N PHE L 151 -62.76 15.42 -17.40
CA PHE L 151 -62.85 16.68 -18.13
C PHE L 151 -64.28 16.86 -18.60
N VAL L 156 -69.27 19.74 -19.69
CA VAL L 156 -70.72 19.92 -19.68
C VAL L 156 -71.29 21.09 -18.89
N ASP L 157 -70.69 21.41 -17.74
CA ASP L 157 -71.19 22.51 -16.93
C ASP L 157 -70.30 23.75 -16.92
N GLU L 158 -69.08 23.63 -17.45
CA GLU L 158 -68.17 24.76 -17.49
C GLU L 158 -68.37 25.53 -18.79
N ILE L 159 -69.13 24.94 -19.71
CA ILE L 159 -69.41 25.54 -21.00
C ILE L 159 -70.84 26.04 -21.08
N GLY L 160 -71.78 25.24 -20.59
CA GLY L 160 -73.18 25.63 -20.61
C GLY L 160 -74.12 24.51 -21.04
N VAL L 161 -74.21 24.27 -22.35
CA VAL L 161 -75.07 23.23 -22.87
C VAL L 161 -74.26 22.03 -23.33
N GLY L 162 -74.94 20.94 -23.65
CA GLY L 162 -74.25 19.73 -24.08
C GLY L 162 -74.39 18.57 -23.11
N TYR L 163 -73.96 17.39 -23.55
CA TYR L 163 -74.03 16.20 -22.71
C TYR L 163 -72.85 15.26 -22.93
N VAL L 164 -72.72 14.27 -22.06
CA VAL L 164 -71.64 13.30 -22.15
C VAL L 164 -72.19 11.92 -22.47
N ARG L 165 -71.38 11.09 -23.12
CA ARG L 165 -71.79 9.74 -23.48
C ARG L 165 -70.59 8.79 -23.45
N ASP L 166 -70.77 7.65 -22.78
CA ASP L 166 -69.71 6.65 -22.67
C ASP L 166 -69.88 5.61 -23.77
N ARG L 167 -69.24 5.85 -24.91
CA ARG L 167 -69.32 4.93 -26.04
C ARG L 167 -68.16 3.94 -26.06
N GLY L 168 -68.17 3.01 -25.11
CA GLY L 168 -67.11 2.02 -25.04
C GLY L 168 -66.00 2.45 -24.10
N SER L 169 -64.78 2.53 -24.64
CA SER L 169 -63.62 2.93 -23.86
C SER L 169 -63.54 4.44 -23.69
N VAL L 170 -63.72 5.18 -24.78
CA VAL L 170 -63.67 6.63 -24.74
C VAL L 170 -65.06 7.27 -24.72
N SER L 171 -65.24 8.26 -23.86
CA SER L 171 -66.51 8.97 -23.73
C SER L 171 -66.45 10.27 -24.53
N ASP L 172 -67.60 10.88 -24.80
CA ASP L 172 -67.62 12.12 -25.57
C ASP L 172 -68.53 13.23 -25.03
N TYR L 173 -68.33 14.43 -25.55
CA TYR L 173 -69.10 15.61 -25.18
C TYR L 173 -69.78 16.12 -26.45
N ILE L 174 -71.08 15.88 -26.55
CA ILE L 174 -71.83 16.30 -27.73
C ILE L 174 -72.59 17.61 -27.55
N LEU L 175 -72.33 18.56 -28.45
CA LEU L 175 -72.97 19.87 -28.44
C LEU L 175 -73.36 20.22 -29.86
N SER L 176 -74.56 19.80 -30.26
CA SER L 176 -75.05 20.07 -31.61
C SER L 176 -76.37 20.83 -31.64
N GLU L 177 -76.41 22.00 -31.01
CA GLU L 177 -77.60 22.82 -30.98
C GLU L 177 -77.31 24.09 -31.77
N ILE L 178 -78.06 24.30 -32.85
CA ILE L 178 -77.89 25.45 -33.73
C ILE L 178 -77.51 26.74 -32.98
N LYS L 179 -78.46 27.32 -32.25
CA LYS L 179 -78.22 28.54 -31.52
C LYS L 179 -77.05 28.41 -30.54
N PRO L 180 -77.11 27.43 -29.62
CA PRO L 180 -76.04 27.24 -28.64
C PRO L 180 -74.66 27.12 -29.26
N LEU L 181 -74.53 26.24 -30.26
CA LEU L 181 -73.26 26.01 -30.94
C LEU L 181 -72.77 27.27 -31.65
N HIS L 182 -73.69 28.00 -32.25
CA HIS L 182 -73.35 29.22 -32.97
C HIS L 182 -72.67 30.21 -32.02
N ASN L 183 -73.41 30.65 -31.02
CA ASN L 183 -72.89 31.61 -30.04
C ASN L 183 -71.65 31.08 -29.31
N PHE L 184 -71.38 29.79 -29.42
CA PHE L 184 -70.23 29.18 -28.75
C PHE L 184 -68.98 29.21 -29.62
N LEU L 185 -69.06 28.57 -30.78
CA LEU L 185 -67.92 28.52 -31.70
C LEU L 185 -67.45 29.91 -32.08
N THR L 186 -68.34 30.90 -31.96
CA THR L 186 -68.01 32.28 -32.28
C THR L 186 -67.02 32.84 -31.27
N GLN L 187 -67.15 32.40 -30.02
CA GLN L 187 -66.28 32.85 -28.95
C GLN L 187 -64.99 32.03 -28.86
N LEU L 188 -65.08 30.75 -29.24
CA LEU L 188 -63.92 29.87 -29.19
C LEU L 188 -63.05 29.96 -30.44
N GLN L 189 -63.68 30.23 -31.59
CA GLN L 189 -62.99 30.33 -32.87
C GLN L 189 -61.67 31.08 -32.82
N PRO L 190 -61.68 32.33 -32.31
CA PRO L 190 -60.46 33.15 -32.23
C PRO L 190 -59.29 32.51 -31.49
N PHE L 191 -59.58 31.55 -30.62
CA PHE L 191 -58.54 30.88 -29.84
C PHE L 191 -58.05 29.58 -30.49
N LEU L 192 -58.69 29.18 -31.59
CA LEU L 192 -58.32 27.95 -32.29
C LEU L 192 -57.32 28.21 -33.40
N ASN L 193 -56.57 27.18 -33.76
CA ASN L 193 -55.58 27.28 -34.82
C ASN L 193 -55.82 26.22 -35.90
N PHE L 194 -55.71 24.95 -35.50
CA PHE L 194 -55.92 23.85 -36.44
C PHE L 194 -57.35 23.83 -36.96
N LYS L 195 -58.31 23.72 -36.05
CA LYS L 195 -59.71 23.69 -36.43
C LYS L 195 -60.36 25.07 -36.56
N GLN L 196 -59.54 26.10 -36.75
CA GLN L 196 -60.04 27.46 -36.90
C GLN L 196 -60.69 27.67 -38.25
N LYS L 197 -60.07 27.11 -39.29
CA LYS L 197 -60.60 27.24 -40.65
C LYS L 197 -62.00 26.64 -40.78
N GLN L 198 -62.15 25.37 -40.40
CA GLN L 198 -63.43 24.69 -40.49
C GLN L 198 -64.41 25.17 -39.44
N ALA L 199 -63.91 25.93 -38.46
CA ALA L 199 -64.76 26.47 -37.40
C ALA L 199 -65.69 27.52 -37.99
N ASN L 200 -65.11 28.49 -38.70
CA ASN L 200 -65.88 29.55 -39.32
C ASN L 200 -66.90 28.95 -40.30
N LEU L 201 -66.48 27.92 -41.02
CA LEU L 201 -67.34 27.25 -41.99
C LEU L 201 -68.57 26.67 -41.30
N VAL L 202 -68.36 26.02 -40.15
CA VAL L 202 -69.45 25.43 -39.40
C VAL L 202 -70.43 26.49 -38.94
N LEU L 203 -69.95 27.74 -38.86
CA LEU L 203 -70.78 28.86 -38.44
C LEU L 203 -71.55 29.44 -39.61
N LYS L 204 -70.89 29.52 -40.76
CA LYS L 204 -71.52 30.06 -41.98
C LYS L 204 -72.70 29.18 -42.39
N ILE L 205 -72.65 27.90 -42.03
CA ILE L 205 -73.71 26.97 -42.35
C ILE L 205 -74.90 27.19 -41.42
N ILE L 206 -74.60 27.42 -40.14
CA ILE L 206 -75.64 27.66 -39.15
C ILE L 206 -76.42 28.92 -39.51
N GLU L 207 -75.76 29.86 -40.17
CA GLU L 207 -76.38 31.11 -40.56
C GLU L 207 -77.19 31.00 -41.86
N GLN L 208 -76.59 30.39 -42.87
CA GLN L 208 -77.25 30.22 -44.17
C GLN L 208 -78.21 29.03 -44.26
N LEU L 209 -78.22 28.19 -43.23
CA LEU L 209 -79.08 27.01 -43.21
C LEU L 209 -80.55 27.31 -43.46
N PRO L 210 -81.12 28.26 -42.71
CA PRO L 210 -82.54 28.55 -42.94
C PRO L 210 -82.81 29.13 -44.34
N ALA L 212 -81.46 28.21 -47.06
CA ALA L 212 -80.99 26.99 -47.73
C ALA L 212 -82.10 25.95 -47.80
N LYS L 213 -82.78 25.72 -46.67
CA LYS L 213 -83.86 24.75 -46.62
C LYS L 213 -85.04 25.18 -47.47
N GLU L 214 -84.96 26.40 -48.02
CA GLU L 214 -86.03 26.92 -48.85
C GLU L 214 -85.77 26.69 -50.34
N SER L 215 -84.51 26.68 -50.73
CA SER L 215 -84.13 26.48 -52.12
C SER L 215 -83.25 25.25 -52.33
N PRO L 216 -83.53 24.46 -53.37
CA PRO L 216 -82.78 23.25 -53.70
C PRO L 216 -81.32 23.56 -54.04
N ASP L 217 -81.12 24.65 -54.78
CA ASP L 217 -79.80 25.08 -55.17
C ASP L 217 -79.05 25.67 -53.97
N LYS L 218 -79.79 26.38 -53.13
CA LYS L 218 -79.21 26.99 -51.95
C LYS L 218 -78.72 25.91 -50.98
N PHE L 219 -79.55 24.89 -50.78
CA PHE L 219 -79.21 23.77 -49.89
C PHE L 219 -77.95 23.08 -50.39
N LEU L 220 -77.80 23.01 -51.70
CA LEU L 220 -76.64 22.37 -52.31
C LEU L 220 -75.39 23.19 -52.02
N GLU L 221 -75.48 24.50 -52.27
CA GLU L 221 -74.37 25.40 -52.04
C GLU L 221 -73.90 25.25 -50.59
N VAL L 222 -74.85 25.06 -49.68
CA VAL L 222 -74.56 24.90 -48.27
C VAL L 222 -73.86 23.56 -48.04
N CYS L 223 -74.31 22.53 -48.77
CA CYS L 223 -73.73 21.19 -48.65
C CYS L 223 -72.27 21.20 -49.08
N THR L 224 -71.91 22.16 -49.92
CA THR L 224 -70.53 22.30 -50.39
C THR L 224 -69.64 22.55 -49.18
N TRP L 225 -70.10 23.47 -48.31
CA TRP L 225 -69.36 23.81 -47.10
C TRP L 225 -69.23 22.59 -46.20
N VAL L 226 -70.29 21.78 -46.14
CA VAL L 226 -70.29 20.59 -45.32
C VAL L 226 -69.18 19.68 -45.84
N ASP L 227 -68.91 19.78 -47.14
CA ASP L 227 -67.86 18.99 -47.79
C ASP L 227 -66.49 19.56 -47.51
N GLN L 228 -66.38 20.88 -47.56
CA GLN L 228 -65.11 21.56 -47.32
C GLN L 228 -64.61 21.36 -45.90
N ILE L 229 -65.53 21.21 -44.96
CA ILE L 229 -65.19 20.99 -43.56
C ILE L 229 -64.59 19.61 -43.37
N ALA L 230 -65.22 18.61 -43.98
CA ALA L 230 -64.75 17.23 -43.90
C ALA L 230 -63.45 17.07 -44.66
N ALA L 231 -63.17 18.01 -45.56
CA ALA L 231 -61.96 18.00 -46.36
C ALA L 231 -60.78 18.48 -45.52
N LEU L 232 -61.05 19.43 -44.62
CA LEU L 232 -60.03 19.99 -43.75
C LEU L 232 -59.70 18.98 -42.64
N ASN L 233 -60.69 18.21 -42.23
CA ASN L 233 -60.53 17.20 -41.19
C ASN L 233 -59.92 15.93 -41.80
N ASP L 234 -59.55 14.99 -40.93
CA ASP L 234 -58.98 13.73 -41.37
C ASP L 234 -60.10 12.78 -41.79
N SER L 235 -60.81 13.14 -42.86
CA SER L 235 -61.93 12.34 -43.35
C SER L 235 -61.49 10.96 -43.86
N LYS L 236 -62.25 9.94 -43.47
CA LYS L 236 -61.95 8.57 -43.87
C LYS L 236 -63.23 7.82 -44.26
N THR L 237 -63.97 7.37 -43.26
CA THR L 237 -65.21 6.64 -43.49
C THR L 237 -66.41 7.54 -43.75
N ARG L 238 -66.38 8.29 -44.85
CA ARG L 238 -67.47 9.20 -45.21
C ARG L 238 -68.25 8.67 -46.41
N THR L 240 -72.04 9.96 -47.39
CA THR L 240 -72.93 10.92 -48.05
C THR L 240 -72.20 12.22 -48.31
N THR L 241 -72.04 12.56 -49.58
CA THR L 241 -71.38 13.80 -49.97
C THR L 241 -72.37 14.80 -50.57
N SER L 242 -71.86 15.92 -51.07
CA SER L 242 -72.71 16.94 -51.67
C SER L 242 -73.31 16.47 -52.99
N GLU L 243 -72.59 15.61 -53.70
CA GLU L 243 -73.06 15.09 -54.97
C GLU L 243 -74.11 14.00 -54.76
N THR L 244 -73.96 13.23 -53.68
CA THR L 244 -74.91 12.17 -53.37
C THR L 244 -76.28 12.78 -53.13
N VAL L 245 -76.29 14.02 -52.65
CA VAL L 245 -77.53 14.73 -52.35
C VAL L 245 -78.15 15.29 -53.64
N ARG L 246 -77.29 15.73 -54.56
CA ARG L 246 -77.75 16.29 -55.83
C ARG L 246 -78.53 15.23 -56.61
N ALA L 247 -77.91 14.06 -56.80
CA ALA L 247 -78.55 12.96 -57.52
C ALA L 247 -79.99 12.78 -57.05
N VAL L 248 -80.16 12.70 -55.74
CA VAL L 248 -81.47 12.53 -55.15
C VAL L 248 -82.37 13.70 -55.51
N LEU L 249 -81.77 14.89 -55.58
CA LEU L 249 -82.52 16.10 -55.92
C LEU L 249 -82.90 16.09 -57.40
N ASP L 250 -82.04 15.51 -58.23
CA ASP L 250 -82.28 15.42 -59.66
C ASP L 250 -83.37 14.40 -59.95
N SER L 251 -83.30 13.26 -59.28
CA SER L 251 -84.28 12.19 -59.45
C SER L 251 -85.66 12.55 -58.90
N LEU L 252 -85.73 13.61 -58.10
CA LEU L 252 -86.99 14.05 -57.51
C LEU L 252 -87.82 14.86 -58.50
#